data_1JKI
#
_entry.id   1JKI
#
_cell.length_a   152.728
_cell.length_b   98.309
_cell.length_c   121.855
_cell.angle_alpha   90
_cell.angle_beta   126.093
_cell.angle_gamma   90
#
_symmetry.space_group_name_H-M   'C 1 2 1'
#
loop_
_entity.id
_entity.type
_entity.pdbx_description
1 polymer 'myo-inositol-1-phosphate synthase'
2 non-polymer 'AMMONIUM ION'
3 non-polymer 2-DEOXY-GLUCITOL-6-PHOSPHATE
4 non-polymer '1,4-DIHYDRONICOTINAMIDE ADENINE DINUCLEOTIDE'
5 water water
#
_entity_poly.entity_id   1
_entity_poly.type   'polypeptide(L)'
_entity_poly.pdbx_seq_one_letter_code
;MTEDNIAPITSVKVVTDKCTYKDNELLTKYSYENAVVTKTASGRFDVTPTVQDYVFKLDLKKPEKLGIMLIGLGGNNGST
LVASVLANKHNVEFQTKEGVKQPNYFGSMTQCSTLKLGIDAEGNDVYAPFNSLLPMVSPNDFVVSGWDINNADLYEAMQR
SQVLEYDLQQRLKAKMSLVKPLPSIYYPDFIAANQDERANNCINLDEKGNVTTRGKWTHLQRIRRDIQNFKEENALDKVI
VLWTANTERYVEVSPGVNDTMENLLQSIKNDHEEIAPSTIFAAASILEGVPYINGSPQNTFVPGLVQLAEHEGTFIAGDD
LKSGQTKLKSVLAQFLVDAGIKPVSIASYNHLGNNDGYNLSAPKQFRSKEISKSSVIDDIIASNDILYNDKLGKKVDHCI
VIKYMKPVGDSKVAMDEYYSELMLGGHNRISIHNVCEDSLLATPLIIDLLVMTEFCTRVSYKKVDPVKEDAGKFENFYPV
LTFLSYWLKAPLTRPGFHPVNGLNKQRTALENFLRLLIGLPSQNELRFEERLL
;
_entity_poly.pdbx_strand_id   A,B
#
loop_
_chem_comp.id
_chem_comp.type
_chem_comp.name
_chem_comp.formula
DG6 non-polymer 2-DEOXY-GLUCITOL-6-PHOSPHATE 'C6 H15 O8 P'
NAI non-polymer '1,4-DIHYDRONICOTINAMIDE ADENINE DINUCLEOTIDE' 'C21 H29 N7 O14 P2'
NH4 non-polymer 'AMMONIUM ION' 'H4 N 1'
#
# COMPACT_ATOMS: atom_id res chain seq x y z
N ILE A 9 -4.27 -21.98 -20.94
CA ILE A 9 -4.64 -20.56 -21.33
C ILE A 9 -5.87 -19.98 -20.59
N THR A 10 -5.63 -18.89 -19.82
CA THR A 10 -6.64 -18.19 -19.02
C THR A 10 -7.13 -16.96 -19.74
N SER A 11 -8.40 -16.65 -19.53
CA SER A 11 -8.86 -15.44 -20.16
C SER A 11 -10.07 -14.90 -19.46
N VAL A 12 -10.33 -13.65 -19.82
CA VAL A 12 -11.50 -13.02 -19.26
C VAL A 12 -12.42 -12.39 -20.30
N LYS A 13 -13.71 -12.62 -20.09
CA LYS A 13 -14.78 -12.04 -20.94
C LYS A 13 -15.74 -11.09 -20.14
N VAL A 14 -15.70 -9.77 -20.41
CA VAL A 14 -16.60 -8.88 -19.68
C VAL A 14 -17.86 -8.45 -20.56
N VAL A 15 -19.04 -8.96 -20.16
CA VAL A 15 -20.33 -8.65 -20.79
C VAL A 15 -20.51 -7.15 -20.61
N THR A 16 -20.38 -6.31 -21.62
CA THR A 16 -20.58 -4.91 -21.37
C THR A 16 -20.85 -4.31 -22.73
N ASP A 17 -21.56 -3.17 -22.78
CA ASP A 17 -21.83 -2.48 -24.05
C ASP A 17 -20.80 -1.42 -24.28
N LYS A 18 -19.91 -1.14 -23.29
CA LYS A 18 -18.86 -0.08 -23.52
C LYS A 18 -17.71 -0.52 -24.47
N CYS A 19 -17.72 -1.79 -24.80
CA CYS A 19 -16.68 -2.52 -25.57
C CYS A 19 -17.10 -3.22 -26.88
N THR A 20 -16.51 -2.83 -27.97
CA THR A 20 -16.86 -3.57 -29.16
C THR A 20 -15.61 -4.01 -29.95
N TYR A 21 -15.70 -5.23 -30.47
CA TYR A 21 -14.69 -5.82 -31.27
C TYR A 21 -14.80 -5.49 -32.76
N LYS A 22 -13.72 -5.08 -33.40
CA LYS A 22 -13.72 -4.89 -34.83
C LYS A 22 -12.35 -5.03 -35.48
N ASP A 23 -12.26 -6.04 -36.37
CA ASP A 23 -11.05 -6.39 -37.11
C ASP A 23 -9.85 -6.64 -36.14
N ASN A 24 -10.07 -7.41 -35.10
CA ASN A 24 -8.99 -7.64 -34.14
C ASN A 24 -8.57 -6.28 -33.43
N GLU A 25 -9.51 -5.40 -33.18
CA GLU A 25 -9.31 -4.15 -32.49
C GLU A 25 -10.46 -3.96 -31.46
N LEU A 26 -10.07 -3.64 -30.20
CA LEU A 26 -11.04 -3.48 -29.15
C LEU A 26 -11.20 -2.00 -29.11
N LEU A 27 -12.46 -1.61 -29.11
CA LEU A 27 -12.90 -0.21 -29.11
C LEU A 27 -13.69 -0.11 -27.77
N THR A 28 -13.24 0.84 -26.93
CA THR A 28 -13.86 0.84 -25.58
C THR A 28 -14.06 2.22 -25.14
N LYS A 29 -15.30 2.49 -24.75
CA LYS A 29 -15.66 3.87 -24.23
C LYS A 29 -15.34 4.02 -22.72
N TYR A 30 -14.86 5.17 -22.32
CA TYR A 30 -14.64 5.28 -20.91
C TYR A 30 -14.80 6.73 -20.50
N SER A 31 -15.44 6.89 -19.37
CA SER A 31 -15.60 8.21 -18.93
C SER A 31 -14.63 8.53 -17.72
N TYR A 32 -13.72 9.44 -18.02
CA TYR A 32 -12.76 9.89 -17.11
C TYR A 32 -13.15 11.10 -16.16
N GLU A 33 -13.44 10.70 -14.94
CA GLU A 33 -13.84 11.53 -13.80
C GLU A 33 -12.69 11.96 -12.90
N ASN A 34 -12.42 13.26 -12.81
CA ASN A 34 -11.37 13.75 -11.91
C ASN A 34 -12.06 14.95 -11.13
N ALA A 35 -11.26 15.91 -10.65
CA ALA A 35 -11.78 17.08 -9.93
C ALA A 35 -10.66 18.07 -9.75
N VAL A 36 -10.95 19.33 -10.01
CA VAL A 36 -10.01 20.46 -9.84
C VAL A 36 -10.32 21.15 -8.45
N VAL A 37 -9.32 21.78 -7.84
CA VAL A 37 -9.38 22.30 -6.45
C VAL A 37 -8.72 23.65 -6.25
N THR A 38 -9.36 24.51 -5.46
CA THR A 38 -8.71 25.81 -5.19
C THR A 38 -8.95 25.86 -3.71
N LYS A 39 -7.98 26.36 -2.97
CA LYS A 39 -8.19 26.41 -1.51
C LYS A 39 -8.36 27.83 -0.95
N THR A 40 -9.46 28.03 -0.22
CA THR A 40 -9.78 29.36 0.40
C THR A 40 -9.05 29.67 1.65
N ALA A 41 -8.45 30.86 1.63
CA ALA A 41 -7.76 31.48 2.78
C ALA A 41 -8.33 30.95 4.11
N SER A 42 -9.63 31.08 4.31
CA SER A 42 -10.18 30.52 5.54
C SER A 42 -9.94 28.96 5.60
N GLY A 43 -9.34 28.40 4.53
CA GLY A 43 -9.03 26.95 4.50
C GLY A 43 -10.15 26.09 3.99
N ARG A 44 -10.86 26.73 3.09
CA ARG A 44 -11.97 26.09 2.48
C ARG A 44 -11.46 25.56 1.11
N PHE A 45 -11.69 24.28 0.87
CA PHE A 45 -11.28 23.78 -0.46
C PHE A 45 -12.59 23.76 -1.31
N ASP A 46 -12.49 24.38 -2.48
CA ASP A 46 -13.58 24.36 -3.48
C ASP A 46 -13.11 23.36 -4.52
N VAL A 47 -13.96 22.35 -4.65
CA VAL A 47 -13.79 21.18 -5.51
C VAL A 47 -14.86 21.01 -6.65
N THR A 48 -14.41 21.12 -7.89
CA THR A 48 -15.38 20.89 -8.96
C THR A 48 -15.11 19.63 -9.85
N PRO A 49 -16.00 18.66 -9.78
CA PRO A 49 -15.76 17.51 -10.60
C PRO A 49 -15.57 17.89 -12.07
N THR A 50 -14.88 16.98 -12.71
CA THR A 50 -14.49 17.19 -14.08
C THR A 50 -14.82 15.80 -14.68
N VAL A 51 -14.83 15.78 -16.03
CA VAL A 51 -15.19 14.60 -16.80
C VAL A 51 -14.80 14.83 -18.26
N GLN A 52 -14.24 13.77 -18.85
CA GLN A 52 -13.74 13.76 -20.25
C GLN A 52 -14.02 12.39 -20.74
N ASP A 53 -14.78 12.30 -21.80
CA ASP A 53 -15.02 10.96 -22.27
C ASP A 53 -13.96 10.66 -23.29
N TYR A 54 -13.78 9.35 -23.44
CA TYR A 54 -12.76 8.88 -24.26
C TYR A 54 -13.17 7.64 -25.00
N VAL A 55 -12.60 7.50 -26.17
CA VAL A 55 -12.75 6.14 -26.81
C VAL A 55 -11.26 5.59 -26.94
N PHE A 56 -11.09 4.37 -26.46
CA PHE A 56 -9.79 3.71 -26.51
C PHE A 56 -9.77 2.59 -27.54
N LYS A 57 -8.67 2.54 -28.27
CA LYS A 57 -8.49 1.47 -29.29
C LYS A 57 -7.22 0.56 -28.94
N LEU A 58 -7.45 -0.72 -28.69
CA LEU A 58 -6.41 -1.70 -28.44
C LEU A 58 -6.23 -2.63 -29.67
N ASP A 59 -5.11 -2.45 -30.34
CA ASP A 59 -4.79 -3.36 -31.44
C ASP A 59 -4.52 -4.69 -30.80
N LEU A 60 -5.40 -5.66 -30.95
CA LEU A 60 -5.20 -6.94 -30.32
C LEU A 60 -4.16 -7.96 -30.95
N LYS A 61 -3.52 -7.62 -32.08
CA LYS A 61 -2.71 -8.63 -32.70
C LYS A 61 -1.36 -8.47 -32.02
N LYS A 62 -1.05 -9.29 -31.07
CA LYS A 62 0.29 -8.99 -30.54
C LYS A 62 1.42 -9.61 -31.45
N PRO A 63 2.55 -8.95 -31.62
CA PRO A 63 3.60 -9.55 -32.43
C PRO A 63 3.96 -10.96 -31.97
N GLU A 64 4.19 -11.86 -32.91
CA GLU A 64 4.56 -13.24 -32.45
C GLU A 64 5.98 -13.34 -31.77
N LYS A 65 6.86 -12.40 -32.11
CA LYS A 65 8.15 -12.43 -31.58
C LYS A 65 8.46 -11.02 -31.36
N LEU A 66 8.95 -10.70 -30.18
CA LEU A 66 9.34 -9.29 -29.99
C LEU A 66 10.79 -9.16 -29.79
N GLY A 67 11.37 -8.26 -30.54
CA GLY A 67 12.75 -8.00 -30.45
C GLY A 67 13.13 -7.11 -29.26
N ILE A 68 14.20 -7.51 -28.56
CA ILE A 68 14.70 -6.75 -27.44
C ILE A 68 16.20 -6.55 -27.59
N MET A 69 16.62 -5.29 -27.68
CA MET A 69 17.98 -4.96 -27.74
C MET A 69 18.48 -4.17 -26.46
N LEU A 70 19.28 -4.84 -25.65
CA LEU A 70 19.92 -4.34 -24.42
C LEU A 70 21.23 -3.65 -24.54
N ILE A 71 21.33 -2.40 -24.07
CA ILE A 71 22.64 -1.75 -24.05
C ILE A 71 23.13 -2.25 -22.59
N GLY A 72 24.25 -3.07 -22.54
CA GLY A 72 24.77 -3.62 -21.27
C GLY A 72 24.40 -5.02 -21.38
N LEU A 73 24.30 -5.57 -22.66
CA LEU A 73 23.85 -6.96 -22.82
C LEU A 73 24.73 -7.89 -21.99
N GLY A 74 26.01 -7.55 -21.90
CA GLY A 74 26.98 -8.35 -21.16
C GLY A 74 27.03 -8.35 -19.59
N GLY A 75 26.15 -7.53 -18.98
CA GLY A 75 26.17 -7.38 -17.52
C GLY A 75 25.47 -8.35 -16.77
N ASN A 76 25.28 -8.09 -15.46
CA ASN A 76 24.45 -9.11 -14.75
C ASN A 76 22.95 -9.25 -15.13
N ASN A 77 22.34 -8.10 -15.37
CA ASN A 77 20.86 -8.13 -15.72
C ASN A 77 20.71 -8.66 -17.13
N GLY A 78 21.54 -8.15 -18.03
CA GLY A 78 21.57 -8.46 -19.45
C GLY A 78 21.57 -9.98 -19.65
N SER A 79 22.63 -10.54 -19.02
CA SER A 79 22.87 -12.01 -19.06
C SER A 79 21.85 -12.74 -18.31
N THR A 80 21.49 -12.25 -17.10
CA THR A 80 20.47 -13.05 -16.42
C THR A 80 19.07 -12.92 -17.24
N LEU A 81 18.89 -11.79 -17.88
CA LEU A 81 17.63 -11.59 -18.75
C LEU A 81 17.52 -12.75 -19.84
N VAL A 82 18.56 -12.84 -20.72
CA VAL A 82 18.65 -13.93 -21.71
C VAL A 82 18.57 -15.26 -21.06
N ALA A 83 19.29 -15.42 -19.94
CA ALA A 83 19.11 -16.74 -19.30
C ALA A 83 17.75 -17.09 -18.92
N SER A 84 16.98 -16.10 -18.40
CA SER A 84 15.60 -16.47 -17.90
C SER A 84 14.62 -16.75 -19.15
N VAL A 85 14.77 -15.97 -20.18
CA VAL A 85 13.94 -16.21 -21.38
C VAL A 85 14.26 -17.67 -21.90
N LEU A 86 15.51 -17.93 -22.20
CA LEU A 86 15.95 -19.33 -22.62
C LEU A 86 15.47 -20.41 -21.70
N ALA A 87 15.61 -20.14 -20.39
CA ALA A 87 15.29 -21.24 -19.43
C ALA A 87 13.87 -21.46 -19.32
N ASN A 88 13.14 -20.34 -19.29
CA ASN A 88 11.67 -20.60 -19.20
C ASN A 88 11.12 -21.11 -20.65
N LYS A 89 11.55 -20.53 -21.74
CA LYS A 89 10.96 -20.98 -23.10
C LYS A 89 11.16 -22.56 -23.33
N HIS A 90 12.32 -23.07 -22.87
CA HIS A 90 12.72 -24.47 -23.09
C HIS A 90 12.62 -25.30 -21.93
N ASN A 91 11.86 -24.84 -20.93
CA ASN A 91 11.66 -25.59 -19.71
C ASN A 91 12.90 -26.27 -19.20
N VAL A 92 14.03 -25.52 -19.06
CA VAL A 92 15.23 -26.09 -18.46
C VAL A 92 15.32 -26.15 -16.93
N GLU A 93 14.79 -27.25 -16.43
CA GLU A 93 14.88 -27.55 -15.06
C GLU A 93 16.41 -27.66 -14.80
N PHE A 94 16.76 -27.45 -13.53
CA PHE A 94 18.17 -27.34 -13.01
C PHE A 94 18.32 -27.84 -11.57
N GLN A 95 19.51 -28.38 -11.25
CA GLN A 95 19.69 -29.01 -9.94
C GLN A 95 20.13 -28.00 -8.93
N THR A 96 19.74 -28.29 -7.73
CA THR A 96 20.14 -27.37 -6.67
C THR A 96 20.22 -28.21 -5.35
N LYS A 97 20.72 -27.59 -4.25
CA LYS A 97 20.75 -28.30 -2.96
C LYS A 97 19.36 -28.66 -2.61
N GLU A 98 18.44 -27.80 -2.98
CA GLU A 98 17.12 -28.17 -2.55
C GLU A 98 16.45 -29.04 -3.52
N GLY A 99 17.20 -29.48 -4.55
CA GLY A 99 16.58 -30.35 -5.53
C GLY A 99 16.53 -29.76 -6.92
N VAL A 100 15.67 -30.39 -7.69
CA VAL A 100 15.50 -30.00 -9.10
C VAL A 100 14.43 -28.91 -9.16
N LYS A 101 14.77 -27.76 -9.68
CA LYS A 101 13.83 -26.67 -9.72
C LYS A 101 13.27 -26.39 -11.08
N GLN A 102 11.96 -26.06 -11.18
CA GLN A 102 11.40 -25.71 -12.53
C GLN A 102 11.66 -24.25 -12.73
N PRO A 103 12.04 -23.80 -13.97
CA PRO A 103 12.28 -22.36 -14.15
C PRO A 103 10.96 -21.55 -13.98
N ASN A 104 11.09 -20.25 -13.65
CA ASN A 104 9.87 -19.46 -13.51
C ASN A 104 10.26 -18.06 -13.67
N TYR A 105 9.26 -17.16 -13.56
CA TYR A 105 9.54 -15.68 -13.75
C TYR A 105 9.12 -14.95 -12.40
N PHE A 106 9.30 -15.62 -11.25
CA PHE A 106 8.99 -14.99 -9.94
C PHE A 106 9.68 -13.68 -9.93
N GLY A 107 8.96 -12.72 -9.33
CA GLY A 107 9.41 -11.31 -9.15
C GLY A 107 8.84 -10.47 -10.29
N SER A 108 8.12 -11.14 -11.25
CA SER A 108 7.62 -10.32 -12.37
C SER A 108 6.16 -9.95 -11.99
N MET A 109 5.84 -8.68 -12.03
CA MET A 109 4.42 -8.25 -11.76
C MET A 109 3.55 -8.70 -13.02
N THR A 110 3.99 -8.45 -14.23
CA THR A 110 3.16 -8.95 -15.43
C THR A 110 2.93 -10.46 -15.53
N GLN A 111 3.95 -11.31 -15.15
CA GLN A 111 3.71 -12.78 -15.23
C GLN A 111 3.31 -13.38 -14.05
N CYS A 112 3.68 -12.78 -12.93
CA CYS A 112 3.37 -13.48 -11.71
C CYS A 112 2.37 -12.87 -10.64
N SER A 113 1.93 -11.63 -10.80
CA SER A 113 0.90 -11.12 -9.90
C SER A 113 -0.59 -11.24 -10.53
N THR A 114 -1.58 -11.35 -9.65
CA THR A 114 -2.92 -11.42 -9.98
C THR A 114 -3.61 -10.04 -9.71
N LEU A 115 -4.89 -9.92 -10.14
CA LEU A 115 -5.74 -8.67 -10.07
C LEU A 115 -7.12 -9.10 -9.80
N LYS A 116 -7.80 -8.36 -8.91
CA LYS A 116 -9.17 -8.69 -8.52
C LYS A 116 -10.10 -8.19 -9.66
N LEU A 117 -10.91 -9.11 -10.19
CA LEU A 117 -11.90 -8.86 -11.26
C LEU A 117 -13.31 -8.57 -10.61
N GLY A 118 -13.67 -9.25 -9.52
CA GLY A 118 -14.92 -8.98 -8.85
C GLY A 118 -15.13 -9.98 -7.81
N ILE A 119 -16.39 -10.36 -7.60
CA ILE A 119 -16.74 -11.32 -6.60
C ILE A 119 -17.44 -12.51 -7.16
N ASP A 120 -17.64 -13.53 -6.34
CA ASP A 120 -18.34 -14.72 -6.84
C ASP A 120 -19.72 -14.83 -6.19
N ALA A 121 -20.42 -15.92 -6.45
CA ALA A 121 -21.72 -16.08 -5.82
C ALA A 121 -21.68 -15.52 -4.37
N GLU A 122 -20.76 -16.07 -3.57
CA GLU A 122 -20.58 -15.63 -2.17
C GLU A 122 -19.55 -14.52 -2.22
N GLY A 123 -19.91 -13.38 -1.63
CA GLY A 123 -19.09 -12.15 -1.63
C GLY A 123 -17.61 -12.26 -1.77
N ASN A 124 -17.11 -13.46 -2.10
CA ASN A 124 -15.70 -13.75 -2.22
C ASN A 124 -14.90 -13.37 -3.41
N ASP A 125 -14.06 -12.36 -3.23
CA ASP A 125 -13.13 -11.93 -4.21
C ASP A 125 -12.62 -13.00 -5.15
N VAL A 126 -12.57 -12.67 -6.43
CA VAL A 126 -12.08 -13.51 -7.46
C VAL A 126 -10.95 -12.79 -8.13
N TYR A 127 -9.80 -13.47 -8.20
CA TYR A 127 -8.58 -12.88 -8.83
C TYR A 127 -8.18 -13.59 -10.14
N ALA A 128 -7.53 -12.88 -11.01
CA ALA A 128 -7.08 -13.43 -12.28
C ALA A 128 -5.68 -12.92 -12.55
N PRO A 129 -4.93 -13.60 -13.43
CA PRO A 129 -3.57 -13.19 -13.75
C PRO A 129 -3.57 -11.84 -14.38
N PHE A 130 -2.63 -11.02 -13.99
CA PHE A 130 -2.51 -9.72 -14.49
C PHE A 130 -2.39 -9.81 -16.01
N ASN A 131 -1.90 -10.91 -16.52
CA ASN A 131 -1.73 -10.81 -17.90
C ASN A 131 -2.80 -11.57 -18.63
N SER A 132 -3.88 -11.94 -17.97
CA SER A 132 -4.91 -12.63 -18.62
C SER A 132 -6.16 -11.75 -19.04
N LEU A 133 -6.14 -10.42 -18.77
CA LEU A 133 -7.29 -9.51 -19.01
C LEU A 133 -7.33 -9.19 -20.52
N LEU A 134 -6.23 -8.70 -21.08
CA LEU A 134 -5.99 -8.34 -22.44
C LEU A 134 -4.63 -9.00 -22.91
N PRO A 135 -4.48 -9.18 -24.25
CA PRO A 135 -3.29 -9.79 -24.86
C PRO A 135 -2.03 -9.15 -24.66
N MET A 136 -1.16 -9.93 -24.03
CA MET A 136 0.20 -9.39 -23.81
C MET A 136 1.28 -10.29 -24.31
N VAL A 137 2.33 -9.68 -24.77
CA VAL A 137 3.51 -10.49 -25.24
C VAL A 137 4.26 -11.21 -24.04
N SER A 138 4.45 -12.46 -24.23
CA SER A 138 5.09 -13.24 -23.29
C SER A 138 6.60 -13.16 -23.28
N PRO A 139 7.23 -13.08 -22.08
CA PRO A 139 8.72 -13.03 -22.29
C PRO A 139 9.33 -14.30 -23.00
N ASN A 140 8.64 -15.40 -23.00
CA ASN A 140 9.12 -16.52 -23.78
C ASN A 140 9.23 -16.27 -25.29
N ASP A 141 8.80 -15.09 -25.74
CA ASP A 141 8.73 -14.70 -27.11
C ASP A 141 9.61 -13.61 -27.38
N PHE A 142 10.46 -13.24 -26.42
CA PHE A 142 11.48 -12.23 -26.78
C PHE A 142 12.64 -12.84 -27.62
N VAL A 143 13.25 -12.00 -28.43
CA VAL A 143 14.33 -12.44 -29.21
C VAL A 143 15.22 -11.32 -28.83
N VAL A 144 16.33 -11.69 -28.17
CA VAL A 144 17.24 -10.72 -27.56
C VAL A 144 18.64 -10.59 -28.11
N SER A 145 19.03 -9.36 -28.30
CA SER A 145 20.27 -9.11 -28.63
C SER A 145 20.65 -7.78 -27.93
N GLY A 146 21.64 -7.09 -28.39
CA GLY A 146 21.99 -5.88 -27.70
C GLY A 146 23.47 -5.60 -27.94
N TRP A 147 24.01 -4.62 -27.21
CA TRP A 147 25.36 -4.14 -27.29
C TRP A 147 26.10 -4.18 -25.86
N ASP A 148 27.43 -4.09 -25.93
CA ASP A 148 28.25 -4.13 -24.71
C ASP A 148 29.66 -3.73 -25.10
N ILE A 149 30.22 -2.72 -24.40
CA ILE A 149 31.58 -2.32 -24.64
C ILE A 149 32.56 -3.53 -24.36
N ASN A 150 32.04 -4.71 -24.01
CA ASN A 150 32.83 -5.86 -23.70
C ASN A 150 32.42 -7.12 -24.43
N ASN A 151 33.40 -7.76 -25.09
CA ASN A 151 33.10 -8.91 -25.94
C ASN A 151 32.78 -10.18 -25.35
N ALA A 152 32.72 -10.29 -24.02
CA ALA A 152 32.35 -11.61 -23.56
C ALA A 152 31.03 -12.09 -24.10
N ASP A 153 30.95 -13.41 -24.38
CA ASP A 153 29.75 -14.03 -24.83
C ASP A 153 28.90 -14.19 -23.61
N LEU A 154 27.65 -14.56 -23.77
CA LEU A 154 26.78 -14.58 -22.66
C LEU A 154 27.05 -15.70 -21.70
N TYR A 155 27.72 -16.78 -22.16
CA TYR A 155 28.09 -17.84 -21.13
C TYR A 155 29.18 -17.22 -20.25
N GLU A 156 30.14 -16.52 -20.86
CA GLU A 156 31.23 -15.99 -20.10
C GLU A 156 30.61 -14.93 -19.13
N ALA A 157 29.57 -14.28 -19.64
CA ALA A 157 28.89 -13.29 -18.86
C ALA A 157 28.14 -13.96 -17.72
N MET A 158 27.46 -15.10 -17.88
CA MET A 158 26.74 -15.62 -16.79
C MET A 158 27.85 -15.98 -15.72
N GLN A 159 29.01 -16.46 -16.22
CA GLN A 159 30.08 -16.98 -15.35
C GLN A 159 30.57 -15.90 -14.42
N ARG A 160 30.95 -14.85 -15.06
CA ARG A 160 31.44 -13.70 -14.46
C ARG A 160 30.40 -12.94 -13.46
N SER A 161 29.08 -13.04 -13.75
CA SER A 161 28.09 -12.36 -12.97
C SER A 161 27.89 -13.07 -11.64
N GLN A 162 27.98 -14.38 -11.70
CA GLN A 162 27.75 -15.23 -10.59
C GLN A 162 26.36 -15.04 -9.97
N VAL A 163 25.38 -14.76 -10.82
CA VAL A 163 24.02 -14.72 -10.36
C VAL A 163 23.36 -16.00 -10.26
N LEU A 164 23.36 -16.82 -11.31
CA LEU A 164 22.60 -18.08 -11.28
C LEU A 164 23.25 -19.38 -10.84
N GLU A 165 22.47 -20.32 -10.36
CA GLU A 165 22.95 -21.56 -9.92
C GLU A 165 24.00 -22.16 -10.92
N TYR A 166 25.05 -22.82 -10.39
CA TYR A 166 26.06 -23.43 -11.29
C TYR A 166 25.40 -24.51 -12.23
N ASP A 167 24.47 -25.33 -11.80
CA ASP A 167 23.95 -26.35 -12.71
C ASP A 167 23.21 -25.63 -13.96
N LEU A 168 22.44 -24.57 -13.68
CA LEU A 168 21.76 -23.86 -14.65
C LEU A 168 22.72 -23.32 -15.50
N GLN A 169 23.71 -22.63 -15.04
CA GLN A 169 24.62 -22.15 -16.00
C GLN A 169 25.14 -23.32 -16.96
N GLN A 170 25.35 -24.51 -16.41
CA GLN A 170 25.95 -25.59 -17.19
C GLN A 170 24.88 -26.07 -18.28
N ARG A 171 23.60 -26.21 -17.94
CA ARG A 171 22.63 -26.51 -18.91
C ARG A 171 22.38 -25.46 -20.05
N LEU A 172 22.69 -24.20 -19.81
CA LEU A 172 22.51 -23.09 -20.73
C LEU A 172 23.71 -22.74 -21.48
N LYS A 173 24.75 -23.40 -21.05
CA LYS A 173 26.07 -23.07 -21.59
C LYS A 173 26.07 -23.22 -23.15
N ALA A 174 25.53 -24.31 -23.67
CA ALA A 174 25.66 -24.44 -25.17
C ALA A 174 24.95 -23.28 -25.87
N LYS A 175 23.66 -23.03 -25.49
CA LYS A 175 23.07 -21.84 -26.15
C LYS A 175 23.70 -20.46 -25.78
N MET A 176 23.98 -20.14 -24.49
CA MET A 176 24.60 -18.81 -24.20
C MET A 176 25.91 -18.52 -24.79
N SER A 177 26.83 -19.50 -24.83
CA SER A 177 28.12 -19.22 -25.54
C SER A 177 28.00 -18.62 -26.92
N LEU A 178 26.90 -18.97 -27.61
CA LEU A 178 26.64 -18.39 -28.97
C LEU A 178 26.15 -16.94 -29.00
N VAL A 179 25.66 -16.36 -27.89
CA VAL A 179 25.14 -14.97 -27.96
C VAL A 179 26.26 -14.04 -27.71
N LYS A 180 26.56 -13.16 -28.66
CA LYS A 180 27.67 -12.30 -28.56
C LYS A 180 27.17 -10.90 -28.68
N PRO A 181 27.56 -10.06 -27.74
CA PRO A 181 27.05 -8.69 -27.85
C PRO A 181 27.65 -7.88 -28.91
N LEU A 182 26.88 -7.07 -29.62
CA LEU A 182 27.40 -6.18 -30.65
C LEU A 182 28.27 -5.10 -30.05
N PRO A 183 29.27 -4.60 -30.81
CA PRO A 183 30.19 -3.56 -30.36
C PRO A 183 29.37 -2.35 -29.96
N SER A 184 29.90 -1.51 -29.05
CA SER A 184 29.17 -0.43 -28.55
C SER A 184 29.93 0.79 -28.61
N ILE A 185 29.41 1.82 -27.92
CA ILE A 185 30.05 3.16 -27.90
C ILE A 185 30.61 3.37 -26.55
N TYR A 186 31.89 3.61 -26.50
CA TYR A 186 32.49 3.74 -25.24
C TYR A 186 33.01 5.14 -25.08
N TYR A 187 32.42 6.06 -24.30
CA TYR A 187 33.08 7.40 -24.17
C TYR A 187 33.50 7.36 -22.73
N PRO A 188 34.81 7.35 -22.50
CA PRO A 188 35.49 7.30 -21.21
C PRO A 188 34.99 8.26 -20.14
N ASP A 189 34.93 9.52 -20.54
CA ASP A 189 34.55 10.62 -19.68
C ASP A 189 33.24 10.44 -18.89
N PHE A 190 32.33 9.58 -19.40
CA PHE A 190 31.05 9.35 -18.79
C PHE A 190 30.82 8.21 -17.81
N ILE A 191 31.79 7.33 -17.62
CA ILE A 191 31.54 6.32 -16.56
C ILE A 191 32.70 6.26 -15.65
N ALA A 192 32.63 5.50 -14.55
CA ALA A 192 33.78 5.38 -13.60
C ALA A 192 35.07 5.00 -14.31
N ALA A 193 36.17 5.66 -13.94
CA ALA A 193 37.49 5.40 -14.63
C ALA A 193 37.95 3.95 -14.72
N ASN A 194 37.42 3.14 -13.80
CA ASN A 194 37.79 1.73 -13.66
C ASN A 194 37.09 0.76 -14.63
N GLN A 195 36.35 1.31 -15.60
CA GLN A 195 35.66 0.50 -16.59
C GLN A 195 36.55 0.39 -17.77
N ASP A 196 37.60 1.18 -17.77
CA ASP A 196 38.53 1.06 -18.87
C ASP A 196 39.20 -0.30 -18.70
N GLU A 197 39.15 -1.15 -19.75
CA GLU A 197 39.62 -2.57 -19.68
C GLU A 197 38.31 -3.34 -19.35
N ARG A 198 37.52 -3.47 -20.36
CA ARG A 198 36.30 -4.19 -20.27
C ARG A 198 36.01 -3.68 -21.62
N ALA A 199 36.43 -2.44 -21.86
CA ALA A 199 36.15 -1.80 -23.13
C ALA A 199 36.85 -2.39 -24.33
N ASN A 200 36.53 -3.58 -24.64
CA ASN A 200 37.33 -4.14 -25.74
C ASN A 200 36.43 -4.47 -26.94
N ASN A 201 35.28 -3.82 -27.02
CA ASN A 201 34.29 -4.05 -28.13
C ASN A 201 33.61 -2.74 -28.60
N CYS A 202 34.40 -1.72 -28.89
CA CYS A 202 33.89 -0.40 -29.32
C CYS A 202 33.80 -0.30 -30.84
N ILE A 203 32.89 0.63 -31.34
CA ILE A 203 32.75 0.88 -32.76
C ILE A 203 33.33 2.26 -32.95
N ASN A 204 33.44 3.03 -31.86
CA ASN A 204 34.02 4.36 -31.95
C ASN A 204 35.54 4.24 -31.86
N LEU A 205 36.12 3.68 -32.94
CA LEU A 205 37.58 3.46 -33.05
C LEU A 205 38.25 4.39 -34.09
N ASP A 206 39.32 5.11 -33.74
CA ASP A 206 39.96 5.90 -34.84
C ASP A 206 40.80 5.02 -35.89
N GLU A 207 41.87 5.59 -36.46
CA GLU A 207 42.70 4.91 -37.50
C GLU A 207 43.52 3.65 -37.11
N LYS A 208 43.67 3.52 -35.78
CA LYS A 208 44.33 2.44 -35.01
C LYS A 208 45.08 3.00 -33.74
N GLY A 209 44.61 2.53 -32.60
CA GLY A 209 45.07 3.01 -31.33
C GLY A 209 43.68 2.90 -30.70
N ASN A 210 42.66 3.18 -31.53
CA ASN A 210 41.26 3.02 -31.15
C ASN A 210 40.27 4.12 -30.63
N VAL A 211 39.75 3.91 -29.41
CA VAL A 211 38.79 4.81 -28.74
C VAL A 211 38.93 6.34 -29.04
N THR A 212 37.81 6.91 -29.45
CA THR A 212 37.77 8.32 -29.78
C THR A 212 36.31 8.83 -29.77
N THR A 213 36.10 10.06 -29.27
CA THR A 213 34.77 10.67 -29.23
C THR A 213 34.54 11.47 -30.54
N ARG A 214 35.44 11.33 -31.49
CA ARG A 214 35.29 12.00 -32.75
C ARG A 214 34.33 11.12 -33.60
N GLY A 215 33.43 11.75 -34.39
CA GLY A 215 32.46 10.97 -35.21
C GLY A 215 31.16 10.58 -34.53
N LYS A 216 30.61 11.43 -33.65
CA LYS A 216 29.37 11.04 -32.93
C LYS A 216 28.16 10.78 -33.86
N TRP A 217 28.07 11.52 -34.96
CA TRP A 217 26.96 11.36 -35.90
C TRP A 217 27.02 9.97 -36.61
N THR A 218 28.22 9.57 -37.07
CA THR A 218 28.44 8.25 -37.70
C THR A 218 28.14 7.15 -36.64
N HIS A 219 28.58 7.34 -35.39
CA HIS A 219 28.21 6.42 -34.26
C HIS A 219 26.64 6.23 -34.20
N LEU A 220 25.91 7.37 -34.16
CA LEU A 220 24.39 7.39 -34.22
C LEU A 220 23.88 6.58 -35.43
N GLN A 221 24.44 6.93 -36.61
CA GLN A 221 24.16 6.25 -37.91
C GLN A 221 24.37 4.70 -37.73
N ARG A 222 25.50 4.34 -37.04
CA ARG A 222 25.83 2.90 -36.81
C ARG A 222 24.80 2.23 -35.92
N ILE A 223 24.47 2.85 -34.78
CA ILE A 223 23.37 2.23 -33.94
C ILE A 223 22.03 2.11 -34.77
N ARG A 224 21.65 3.10 -35.59
CA ARG A 224 20.39 2.87 -36.38
C ARG A 224 20.44 1.67 -37.26
N ARG A 225 21.52 1.51 -38.04
CA ARG A 225 21.67 0.24 -38.85
C ARG A 225 21.68 -1.03 -37.99
N ASP A 226 22.32 -0.95 -36.79
CA ASP A 226 22.27 -2.15 -35.96
C ASP A 226 20.88 -2.49 -35.73
N ILE A 227 20.06 -1.50 -35.40
CA ILE A 227 18.60 -1.85 -35.17
C ILE A 227 17.89 -2.47 -36.43
N GLN A 228 18.04 -1.81 -37.58
CA GLN A 228 17.47 -2.34 -38.90
C GLN A 228 18.09 -3.74 -39.14
N ASN A 229 19.42 -3.90 -39.09
CA ASN A 229 20.02 -5.36 -39.31
C ASN A 229 19.36 -6.45 -38.43
N PHE A 230 19.27 -6.10 -37.13
CA PHE A 230 18.66 -7.00 -36.12
C PHE A 230 17.27 -7.38 -36.39
N LYS A 231 16.51 -6.35 -36.79
CA LYS A 231 15.07 -6.59 -37.20
C LYS A 231 14.89 -7.68 -38.39
N GLU A 232 15.61 -7.46 -39.53
CA GLU A 232 15.53 -8.32 -40.73
C GLU A 232 16.13 -9.72 -40.47
N GLU A 233 17.30 -9.80 -39.73
CA GLU A 233 17.97 -11.05 -39.38
C GLU A 233 17.04 -11.90 -38.67
N ASN A 234 16.11 -11.31 -37.92
CA ASN A 234 15.17 -12.14 -37.17
C ASN A 234 13.70 -12.09 -37.73
N ALA A 235 13.55 -11.42 -38.84
CA ALA A 235 12.26 -11.36 -39.52
C ALA A 235 11.23 -10.82 -38.44
N LEU A 236 11.59 -9.77 -37.72
CA LEU A 236 10.75 -9.24 -36.59
C LEU A 236 10.25 -7.87 -37.04
N ASP A 237 9.06 -7.48 -36.56
CA ASP A 237 8.46 -6.10 -36.94
C ASP A 237 8.65 -5.10 -35.78
N LYS A 238 8.66 -5.63 -34.56
CA LYS A 238 8.77 -4.78 -33.40
C LYS A 238 9.99 -5.03 -32.52
N VAL A 239 10.60 -3.92 -32.18
CA VAL A 239 11.75 -3.95 -31.35
C VAL A 239 11.68 -2.89 -30.24
N ILE A 240 12.18 -3.22 -29.02
CA ILE A 240 12.28 -2.22 -27.93
C ILE A 240 13.74 -2.16 -27.54
N VAL A 241 14.28 -0.98 -27.43
CA VAL A 241 15.58 -0.84 -26.94
C VAL A 241 15.60 -0.44 -25.40
N LEU A 242 16.42 -1.16 -24.57
CA LEU A 242 16.50 -0.87 -23.09
C LEU A 242 17.96 -0.72 -22.52
N TRP A 243 18.27 0.42 -21.89
CA TRP A 243 19.55 0.70 -21.32
C TRP A 243 19.69 0.08 -19.89
N THR A 244 20.70 -0.81 -19.83
CA THR A 244 21.07 -1.42 -18.65
C THR A 244 22.60 -1.65 -18.56
N ALA A 245 23.29 -0.64 -18.99
CA ALA A 245 24.72 -0.58 -18.95
C ALA A 245 25.00 0.20 -17.62
N ASN A 246 26.29 0.44 -17.40
CA ASN A 246 26.75 1.13 -16.25
C ASN A 246 26.20 2.61 -16.18
N THR A 247 25.72 3.03 -14.99
CA THR A 247 25.30 4.44 -14.66
C THR A 247 26.28 5.48 -15.18
N GLU A 248 25.83 6.44 -15.98
CA GLU A 248 26.76 7.43 -16.52
C GLU A 248 26.73 8.62 -15.62
N ARG A 249 27.65 9.52 -15.86
CA ARG A 249 27.68 10.73 -15.09
C ARG A 249 26.65 11.67 -15.78
N TYR A 250 25.74 12.29 -15.03
CA TYR A 250 24.74 13.25 -15.54
C TYR A 250 25.42 14.18 -16.49
N VAL A 251 24.68 14.68 -17.48
CA VAL A 251 25.27 15.68 -18.37
C VAL A 251 24.67 17.09 -17.94
N GLU A 252 25.42 18.18 -18.17
CA GLU A 252 24.92 19.52 -17.88
C GLU A 252 23.97 19.92 -19.03
N VAL A 253 22.72 20.29 -18.71
CA VAL A 253 21.76 20.74 -19.73
C VAL A 253 21.97 22.22 -20.06
N SER A 254 22.46 22.56 -21.25
CA SER A 254 22.72 23.94 -21.60
C SER A 254 21.98 24.44 -22.85
N PRO A 255 21.59 25.78 -22.85
CA PRO A 255 20.83 26.48 -23.90
C PRO A 255 21.55 26.66 -25.22
N GLY A 256 21.49 25.63 -26.04
CA GLY A 256 22.18 25.72 -27.30
C GLY A 256 22.85 24.41 -27.64
N VAL A 257 22.87 23.44 -26.71
CA VAL A 257 23.52 22.19 -27.05
C VAL A 257 22.53 21.05 -27.15
N ASN A 258 21.74 20.91 -26.10
CA ASN A 258 20.72 19.88 -25.98
C ASN A 258 19.40 20.36 -25.34
N ASP A 259 19.00 21.62 -25.65
CA ASP A 259 17.76 22.23 -25.12
C ASP A 259 16.65 21.96 -26.09
N THR A 260 17.03 21.82 -27.36
CA THR A 260 16.05 21.54 -28.37
C THR A 260 16.43 20.49 -29.42
N MET A 261 15.42 19.84 -30.00
CA MET A 261 15.63 18.86 -31.05
C MET A 261 16.68 19.42 -32.01
N GLU A 262 16.47 20.59 -32.58
CA GLU A 262 17.46 21.12 -33.46
C GLU A 262 18.83 21.25 -32.80
N ASN A 263 18.89 21.71 -31.56
CA ASN A 263 20.21 21.88 -30.95
C ASN A 263 20.92 20.50 -30.83
N LEU A 264 20.25 19.51 -30.20
CA LEU A 264 20.78 18.17 -29.97
C LEU A 264 21.34 17.63 -31.22
N LEU A 265 20.49 17.31 -32.16
CA LEU A 265 20.99 16.75 -33.41
C LEU A 265 22.19 17.51 -33.93
N GLN A 266 22.44 18.71 -33.51
CA GLN A 266 23.61 19.26 -34.12
C GLN A 266 24.86 19.09 -33.28
N SER A 267 24.68 19.28 -31.97
CA SER A 267 25.73 19.10 -31.01
C SER A 267 26.28 17.70 -31.26
N ILE A 268 25.40 16.76 -31.66
CA ILE A 268 25.84 15.37 -31.93
C ILE A 268 26.77 15.46 -33.08
N LYS A 269 26.21 15.84 -34.23
CA LYS A 269 27.03 15.96 -35.40
C LYS A 269 28.32 16.70 -35.03
N ASN A 270 28.24 17.63 -34.08
CA ASN A 270 29.42 18.42 -33.69
C ASN A 270 30.29 17.74 -32.64
N ASP A 271 29.91 16.56 -32.18
CA ASP A 271 30.69 15.88 -31.16
C ASP A 271 30.75 16.71 -29.85
N HIS A 272 29.64 17.31 -29.44
CA HIS A 272 29.63 18.09 -28.19
C HIS A 272 29.89 17.15 -27.00
N GLU A 273 30.70 17.61 -26.05
CA GLU A 273 31.05 16.80 -24.91
C GLU A 273 29.86 16.43 -24.12
N GLU A 274 28.74 17.15 -24.32
CA GLU A 274 27.51 16.88 -23.55
C GLU A 274 26.63 15.82 -24.18
N ILE A 275 27.16 15.18 -25.23
CA ILE A 275 26.42 14.08 -25.87
C ILE A 275 27.07 12.75 -25.36
N ALA A 276 26.32 12.05 -24.53
CA ALA A 276 26.75 10.84 -23.95
C ALA A 276 26.25 9.69 -24.76
N PRO A 277 26.87 8.50 -24.56
CA PRO A 277 26.48 7.30 -25.27
C PRO A 277 24.98 7.01 -25.19
N SER A 278 24.42 7.19 -24.00
CA SER A 278 23.01 6.92 -23.84
C SER A 278 22.26 7.99 -24.69
N THR A 279 22.81 9.21 -24.77
CA THR A 279 22.21 10.22 -25.59
C THR A 279 22.04 9.63 -27.04
N ILE A 280 23.16 9.10 -27.57
CA ILE A 280 23.16 8.48 -28.92
C ILE A 280 22.25 7.26 -28.99
N PHE A 281 22.26 6.38 -28.01
CA PHE A 281 21.43 5.25 -28.17
C PHE A 281 19.94 5.69 -28.22
N ALA A 282 19.66 6.75 -27.42
CA ALA A 282 18.30 7.24 -27.30
C ALA A 282 17.84 7.87 -28.62
N ALA A 283 18.64 8.71 -29.19
CA ALA A 283 18.26 9.39 -30.37
C ALA A 283 18.16 8.50 -31.56
N ALA A 284 18.92 7.39 -31.54
CA ALA A 284 18.95 6.37 -32.60
C ALA A 284 17.75 5.52 -32.46
N SER A 285 17.24 5.23 -31.28
CA SER A 285 16.04 4.43 -31.35
C SER A 285 14.73 5.21 -31.73
N ILE A 286 14.73 6.50 -31.35
CA ILE A 286 13.62 7.46 -31.51
C ILE A 286 13.58 7.70 -33.04
N LEU A 287 14.76 7.95 -33.60
CA LEU A 287 14.94 8.19 -35.01
C LEU A 287 14.53 7.00 -35.86
N GLU A 288 14.27 5.84 -35.28
CA GLU A 288 13.86 4.64 -35.94
C GLU A 288 12.51 4.30 -35.41
N GLY A 289 11.97 5.09 -34.46
CA GLY A 289 10.66 4.75 -33.95
C GLY A 289 10.62 3.57 -33.12
N VAL A 290 11.75 3.26 -32.44
CA VAL A 290 11.58 2.09 -31.54
C VAL A 290 11.65 2.67 -30.11
N PRO A 291 10.80 2.26 -29.23
CA PRO A 291 10.75 2.71 -27.84
C PRO A 291 12.12 2.41 -27.12
N TYR A 292 12.58 3.40 -26.41
CA TYR A 292 13.76 3.41 -25.63
C TYR A 292 13.35 3.58 -24.13
N ILE A 293 13.81 2.67 -23.22
CA ILE A 293 13.64 2.64 -21.79
C ILE A 293 15.02 2.87 -21.14
N ASN A 294 15.11 3.94 -20.30
CA ASN A 294 16.32 4.27 -19.60
C ASN A 294 16.33 3.61 -18.24
N GLY A 295 17.09 2.50 -18.09
CA GLY A 295 17.09 1.77 -16.79
C GLY A 295 18.12 2.25 -15.76
N SER A 296 18.87 3.29 -16.05
CA SER A 296 19.91 3.78 -15.14
C SER A 296 19.49 5.17 -14.67
N PRO A 297 20.22 5.76 -13.70
CA PRO A 297 19.80 7.07 -13.22
C PRO A 297 20.27 8.26 -13.88
N GLN A 298 21.21 8.16 -14.79
CA GLN A 298 21.72 9.36 -15.42
C GLN A 298 20.60 10.09 -16.15
N ASN A 299 20.76 11.36 -16.55
CA ASN A 299 19.59 12.09 -17.17
C ASN A 299 19.73 12.00 -18.66
N THR A 300 19.35 10.87 -19.26
CA THR A 300 19.64 10.85 -20.70
C THR A 300 18.70 11.65 -21.50
N PHE A 301 17.45 11.71 -21.03
CA PHE A 301 16.33 12.43 -21.71
C PHE A 301 16.29 13.91 -21.40
N VAL A 302 17.25 14.62 -21.97
CA VAL A 302 17.42 16.01 -21.88
C VAL A 302 16.25 16.56 -22.74
N PRO A 303 15.87 17.86 -22.50
CA PRO A 303 14.76 18.48 -23.23
C PRO A 303 14.88 18.32 -24.72
N GLY A 304 16.09 18.46 -25.27
CA GLY A 304 16.27 18.33 -26.74
C GLY A 304 15.91 16.89 -27.23
N LEU A 305 16.23 15.94 -26.38
CA LEU A 305 15.89 14.60 -26.80
C LEU A 305 14.41 14.40 -26.49
N VAL A 306 13.80 15.06 -25.45
CA VAL A 306 12.35 14.78 -25.24
C VAL A 306 11.59 15.36 -26.40
N GLN A 307 12.09 16.45 -26.93
CA GLN A 307 11.45 17.04 -28.06
C GLN A 307 11.43 16.14 -29.31
N LEU A 308 12.59 15.53 -29.59
CA LEU A 308 12.70 14.67 -30.79
C LEU A 308 11.84 13.47 -30.58
N ALA A 309 11.61 13.03 -29.37
CA ALA A 309 10.72 11.89 -29.21
C ALA A 309 9.29 12.35 -29.48
N GLU A 310 8.96 13.59 -29.08
CA GLU A 310 7.60 14.16 -29.30
C GLU A 310 7.50 14.35 -30.81
N HIS A 311 8.52 14.90 -31.45
CA HIS A 311 8.44 15.05 -32.87
C HIS A 311 8.40 13.80 -33.75
N GLU A 312 8.98 12.70 -33.28
CA GLU A 312 9.01 11.53 -34.07
C GLU A 312 7.85 10.75 -33.69
N GLY A 313 7.31 11.12 -32.52
CA GLY A 313 6.16 10.41 -31.93
C GLY A 313 6.52 9.00 -31.43
N THR A 314 7.47 8.88 -30.48
CA THR A 314 8.01 7.55 -29.95
C THR A 314 8.17 7.39 -28.45
N PHE A 315 7.70 6.26 -27.95
CA PHE A 315 7.77 5.99 -26.55
C PHE A 315 9.07 6.01 -25.92
N ILE A 316 9.20 6.84 -24.88
CA ILE A 316 10.35 6.94 -24.06
C ILE A 316 9.85 6.72 -22.61
N ALA A 317 10.81 6.41 -21.73
CA ALA A 317 10.55 6.03 -20.37
C ALA A 317 11.82 5.89 -19.57
N GLY A 318 11.53 5.66 -18.29
CA GLY A 318 12.51 5.52 -17.25
C GLY A 318 12.83 6.78 -16.38
N ASP A 319 14.05 6.53 -15.87
CA ASP A 319 15.06 7.12 -15.04
C ASP A 319 15.19 6.20 -13.82
N ASP A 320 16.16 5.26 -13.96
CA ASP A 320 16.59 4.18 -13.01
C ASP A 320 15.60 3.10 -12.73
N LEU A 321 16.17 1.94 -12.63
CA LEU A 321 15.53 0.72 -12.41
C LEU A 321 15.08 0.80 -11.03
N LYS A 322 13.81 0.67 -10.75
CA LYS A 322 13.33 0.83 -9.37
C LYS A 322 13.43 -0.42 -8.57
N SER A 323 14.47 -0.40 -7.79
CA SER A 323 14.78 -1.41 -6.83
C SER A 323 13.92 -2.60 -6.50
N GLY A 324 13.70 -2.64 -5.20
CA GLY A 324 13.01 -3.70 -4.51
C GLY A 324 13.27 -3.21 -3.07
N GLN A 325 14.41 -2.50 -2.86
CA GLN A 325 14.75 -1.89 -1.57
C GLN A 325 14.10 -0.48 -1.58
N THR A 326 14.34 0.27 -2.65
CA THR A 326 13.81 1.62 -2.76
C THR A 326 12.29 1.63 -2.96
N LYS A 327 11.79 0.54 -3.46
CA LYS A 327 10.41 0.41 -3.67
C LYS A 327 9.80 0.42 -2.33
N LEU A 328 10.12 -0.66 -1.64
CA LEU A 328 9.76 -0.98 -0.27
C LEU A 328 9.92 0.23 0.74
N LYS A 329 10.95 1.06 0.55
CA LYS A 329 11.14 2.22 1.35
C LYS A 329 9.90 3.10 1.24
N SER A 330 9.36 3.25 0.00
CA SER A 330 8.18 4.08 -0.27
C SER A 330 6.95 3.39 0.29
N VAL A 331 6.70 2.15 -0.06
CA VAL A 331 5.56 1.53 0.50
C VAL A 331 5.50 1.91 2.05
N LEU A 332 6.65 1.68 2.65
CA LEU A 332 6.89 1.89 4.08
C LEU A 332 6.72 3.34 4.55
N ALA A 333 7.40 4.27 3.96
CA ALA A 333 7.20 5.67 4.37
C ALA A 333 5.73 6.16 4.20
N GLN A 334 4.99 5.67 3.18
CA GLN A 334 3.65 6.09 2.90
C GLN A 334 2.69 5.51 3.95
N PHE A 335 2.79 4.22 4.19
CA PHE A 335 2.03 3.60 5.19
C PHE A 335 2.12 4.51 6.56
N LEU A 336 3.33 4.73 7.04
CA LEU A 336 3.65 5.57 8.21
C LEU A 336 2.93 6.98 8.00
N VAL A 337 3.24 7.67 6.89
CA VAL A 337 2.58 8.96 6.67
C VAL A 337 0.96 8.91 6.51
N ASP A 338 0.40 7.80 6.09
CA ASP A 338 -1.05 7.78 5.95
C ASP A 338 -1.63 7.43 7.28
N ALA A 339 -0.77 6.96 8.19
CA ALA A 339 -1.36 6.58 9.47
C ALA A 339 -1.22 7.82 10.46
N GLY A 340 -0.73 8.93 9.94
CA GLY A 340 -0.50 10.17 10.66
C GLY A 340 0.77 10.10 11.54
N ILE A 341 1.85 9.39 11.06
CA ILE A 341 3.07 9.16 11.79
C ILE A 341 4.09 9.96 11.11
N LYS A 342 4.95 10.62 11.93
CA LYS A 342 5.93 11.47 11.34
C LYS A 342 7.49 11.07 11.30
N PRO A 343 7.92 10.46 10.16
CA PRO A 343 9.28 10.02 9.86
C PRO A 343 9.97 11.30 9.96
N VAL A 344 11.01 11.40 10.78
CA VAL A 344 11.78 12.62 10.90
C VAL A 344 13.17 12.28 10.32
N SER A 345 13.52 10.98 10.30
CA SER A 345 14.88 10.48 9.82
C SER A 345 14.77 9.13 9.07
N ILE A 346 15.40 9.07 7.90
CA ILE A 346 15.36 7.77 7.14
C ILE A 346 16.80 7.57 6.61
N ALA A 347 17.54 6.68 7.28
CA ALA A 347 18.97 6.39 6.92
C ALA A 347 18.95 5.10 6.06
N SER A 348 19.48 5.25 4.85
CA SER A 348 19.59 4.16 3.88
C SER A 348 20.99 3.70 3.64
N TYR A 349 21.31 2.50 4.12
CA TYR A 349 22.69 2.03 3.85
C TYR A 349 22.74 0.80 2.93
N ASN A 350 23.78 0.77 2.12
CA ASN A 350 23.95 -0.30 1.11
C ASN A 350 25.36 -0.83 0.68
N HIS A 351 25.50 -2.15 0.56
CA HIS A 351 26.72 -2.74 -0.04
C HIS A 351 26.38 -4.00 -0.94
N LEU A 352 27.17 -4.13 -1.99
CA LEU A 352 26.99 -5.23 -2.97
C LEU A 352 28.42 -5.35 -3.61
N GLY A 353 28.78 -6.53 -4.13
CA GLY A 353 30.11 -6.65 -4.76
C GLY A 353 30.21 -6.92 -6.30
N ASN A 354 29.32 -6.30 -7.12
CA ASN A 354 29.29 -6.60 -8.55
C ASN A 354 29.87 -5.42 -9.27
N ASN A 355 29.94 -5.45 -10.61
CA ASN A 355 30.49 -4.35 -11.42
C ASN A 355 29.71 -2.96 -11.28
N ASP A 356 28.45 -3.20 -11.05
CA ASP A 356 27.31 -2.39 -10.79
C ASP A 356 27.81 -1.49 -9.55
N GLY A 357 28.19 -2.13 -8.43
CA GLY A 357 28.68 -1.39 -7.25
C GLY A 357 30.10 -0.92 -7.36
N TYR A 358 30.82 -1.60 -8.24
CA TYR A 358 32.21 -1.22 -8.54
C TYR A 358 32.11 0.08 -9.35
N ASN A 359 31.13 0.14 -10.21
CA ASN A 359 31.04 1.38 -10.96
C ASN A 359 30.46 2.50 -10.07
N LEU A 360 29.48 2.19 -9.18
CA LEU A 360 28.88 3.23 -8.34
C LEU A 360 29.89 3.77 -7.35
N SER A 361 30.94 2.97 -7.03
CA SER A 361 32.07 3.33 -6.08
C SER A 361 32.85 4.61 -6.44
N ALA A 362 32.44 5.35 -7.50
CA ALA A 362 32.97 6.67 -7.94
C ALA A 362 31.80 7.63 -7.64
N PRO A 363 32.10 8.81 -7.06
CA PRO A 363 31.05 9.76 -6.71
C PRO A 363 30.27 10.39 -7.84
N LYS A 364 30.76 10.28 -9.08
CA LYS A 364 30.02 10.88 -10.19
C LYS A 364 28.83 10.04 -10.77
N GLN A 365 28.92 8.73 -10.54
CA GLN A 365 27.90 7.78 -10.96
C GLN A 365 27.00 7.54 -9.70
N PHE A 366 27.58 7.77 -8.51
CA PHE A 366 26.85 7.62 -7.24
C PHE A 366 25.90 8.89 -7.06
N ARG A 367 26.32 10.03 -7.60
CA ARG A 367 25.51 11.21 -7.46
C ARG A 367 24.17 10.98 -8.15
N SER A 368 24.23 10.39 -9.36
CA SER A 368 23.04 10.01 -10.20
C SER A 368 22.09 9.10 -9.42
N LYS A 369 22.67 8.16 -8.69
CA LYS A 369 21.85 7.29 -7.88
C LYS A 369 21.30 8.17 -6.75
N GLU A 370 22.18 8.91 -6.06
CA GLU A 370 21.71 9.80 -4.98
C GLU A 370 20.62 10.86 -5.43
N ILE A 371 20.82 11.50 -6.59
CA ILE A 371 19.85 12.42 -7.13
C ILE A 371 18.48 11.69 -7.44
N SER A 372 18.47 10.39 -7.81
CA SER A 372 17.20 9.66 -8.09
C SER A 372 16.25 9.57 -6.91
N LYS A 373 16.82 9.39 -5.71
CA LYS A 373 15.99 9.38 -4.48
C LYS A 373 15.58 10.78 -3.99
N SER A 374 16.35 11.80 -4.44
CA SER A 374 16.20 13.27 -4.21
C SER A 374 14.85 13.82 -4.77
N SER A 375 13.74 13.28 -4.24
CA SER A 375 12.38 13.70 -4.64
C SER A 375 11.31 12.88 -3.97
N VAL A 376 11.63 11.65 -3.61
CA VAL A 376 10.65 10.80 -2.97
C VAL A 376 10.04 11.25 -1.61
N ILE A 377 10.91 11.29 -0.59
CA ILE A 377 10.63 11.79 0.76
C ILE A 377 9.99 13.25 0.62
N ASP A 378 10.35 13.97 -0.45
CA ASP A 378 9.80 15.30 -0.71
C ASP A 378 8.33 15.16 -1.15
N ASP A 379 7.92 14.02 -1.70
CA ASP A 379 6.53 13.89 -2.16
C ASP A 379 5.55 13.42 -1.11
N ILE A 380 6.03 12.61 -0.18
CA ILE A 380 5.23 12.09 0.92
C ILE A 380 5.06 13.26 1.93
N ILE A 381 6.11 14.07 2.08
CA ILE A 381 6.12 15.27 2.94
C ILE A 381 4.95 16.24 2.47
N ALA A 382 4.98 16.69 1.20
CA ALA A 382 3.99 17.60 0.58
C ALA A 382 2.51 17.20 0.78
N SER A 383 2.22 15.92 0.72
CA SER A 383 0.89 15.43 0.91
C SER A 383 0.29 15.57 2.37
N ASN A 384 1.12 15.98 3.34
CA ASN A 384 0.62 16.07 4.70
C ASN A 384 1.23 17.28 5.40
N ASP A 385 0.48 18.42 5.32
CA ASP A 385 0.94 19.66 6.01
C ASP A 385 0.40 19.73 7.44
N ILE A 386 -0.31 18.69 7.84
CA ILE A 386 -0.76 18.63 9.26
C ILE A 386 0.55 18.14 10.01
N LEU A 387 1.24 17.16 9.38
CA LEU A 387 2.55 16.63 9.90
C LEU A 387 3.74 17.57 9.58
N TYR A 388 3.92 17.94 8.31
CA TYR A 388 5.04 18.79 7.88
C TYR A 388 4.56 20.17 7.45
N ASN A 389 5.01 21.19 8.19
CA ASN A 389 4.56 22.60 8.02
C ASN A 389 5.66 23.50 8.69
N ASP A 390 5.54 24.83 8.66
CA ASP A 390 6.55 25.73 9.27
C ASP A 390 6.52 25.63 10.81
N LYS A 391 5.39 25.24 11.38
CA LYS A 391 5.33 25.16 12.82
C LYS A 391 6.06 23.95 13.43
N LEU A 392 5.61 22.74 13.11
CA LEU A 392 6.30 21.56 13.59
C LEU A 392 7.54 21.21 12.81
N GLY A 393 7.95 22.01 11.83
CA GLY A 393 9.13 21.71 11.00
C GLY A 393 8.71 20.76 9.87
N LYS A 394 9.31 20.91 8.70
CA LYS A 394 8.94 20.10 7.48
C LYS A 394 10.05 19.31 6.66
N LYS A 395 11.07 18.91 7.38
CA LYS A 395 12.13 18.14 6.84
C LYS A 395 12.03 16.78 7.40
N VAL A 396 12.56 15.87 6.65
CA VAL A 396 12.72 14.47 7.02
C VAL A 396 14.18 14.36 6.59
N ASP A 397 15.06 14.29 7.57
CA ASP A 397 16.50 14.07 7.29
C ASP A 397 16.74 12.68 6.63
N HIS A 398 17.63 12.65 5.67
CA HIS A 398 17.87 11.42 4.95
C HIS A 398 19.26 11.19 4.35
N CYS A 399 19.66 9.93 4.34
CA CYS A 399 20.91 9.75 3.65
C CYS A 399 20.86 8.43 2.91
N ILE A 400 21.73 8.35 1.88
CA ILE A 400 21.98 7.18 0.99
C ILE A 400 23.51 6.81 0.97
N VAL A 401 23.77 5.52 1.29
CA VAL A 401 25.13 5.02 1.29
C VAL A 401 25.13 3.73 0.57
N ILE A 402 25.99 3.71 -0.44
CA ILE A 402 26.26 2.59 -1.35
C ILE A 402 27.75 2.28 -1.36
N LYS A 403 28.15 1.25 -0.65
CA LYS A 403 29.55 0.89 -0.69
C LYS A 403 29.76 -0.43 -1.40
N TYR A 404 30.87 -0.42 -2.11
CA TYR A 404 31.44 -1.55 -2.82
C TYR A 404 32.19 -2.53 -1.89
N MET A 405 31.60 -3.68 -1.56
CA MET A 405 32.12 -4.75 -0.73
C MET A 405 32.23 -6.05 -1.63
N LYS A 406 33.31 -6.17 -2.41
CA LYS A 406 33.48 -7.33 -3.34
C LYS A 406 33.04 -8.72 -2.89
N PRO A 407 33.45 -9.22 -1.69
CA PRO A 407 33.05 -10.59 -1.29
C PRO A 407 31.61 -11.00 -1.32
N VAL A 408 30.67 -10.03 -1.38
CA VAL A 408 29.26 -10.51 -1.33
C VAL A 408 28.72 -10.69 -2.76
N GLY A 409 29.57 -10.44 -3.77
CA GLY A 409 29.13 -10.63 -5.13
C GLY A 409 27.83 -9.88 -5.48
N ASP A 410 26.93 -10.51 -6.26
CA ASP A 410 25.75 -9.78 -6.70
C ASP A 410 24.74 -9.53 -5.55
N SER A 411 25.03 -10.10 -4.38
CA SER A 411 24.15 -9.90 -3.27
C SER A 411 24.15 -8.42 -2.90
N LYS A 412 22.95 -8.00 -2.57
CA LYS A 412 22.93 -6.62 -2.16
C LYS A 412 22.41 -6.78 -0.74
N VAL A 413 23.02 -6.08 0.20
CA VAL A 413 22.61 -6.20 1.60
C VAL A 413 22.04 -4.79 1.81
N ALA A 414 20.79 -4.65 2.19
CA ALA A 414 20.32 -3.29 2.22
C ALA A 414 19.80 -3.05 3.66
N MET A 415 20.08 -1.89 4.20
CA MET A 415 19.53 -1.63 5.57
C MET A 415 18.99 -0.17 5.63
N ASP A 416 17.76 -0.06 6.06
CA ASP A 416 17.24 1.31 6.19
C ASP A 416 16.69 1.57 7.58
N GLU A 417 16.96 2.74 8.09
CA GLU A 417 16.44 2.92 9.43
C GLU A 417 15.49 4.11 9.50
N TYR A 418 14.33 3.88 10.05
CA TYR A 418 13.24 4.91 10.23
C TYR A 418 13.12 5.26 11.76
N TYR A 419 13.27 6.54 12.04
CA TYR A 419 13.14 7.03 13.39
C TYR A 419 11.90 8.03 13.21
N SER A 420 10.80 7.77 13.83
CA SER A 420 9.66 8.68 13.55
C SER A 420 9.07 9.16 14.88
N GLU A 421 8.45 10.34 14.82
CA GLU A 421 7.67 10.85 16.01
C GLU A 421 6.29 10.29 16.11
N LEU A 422 5.93 9.95 17.32
CA LEU A 422 4.66 9.45 17.76
C LEU A 422 4.02 10.60 18.68
N MET A 423 2.81 10.38 19.14
CA MET A 423 2.14 11.43 19.94
C MET A 423 2.86 11.63 21.30
N LEU A 424 2.82 12.88 21.78
CA LEU A 424 3.27 13.15 23.21
C LEU A 424 4.76 12.79 23.50
N GLY A 425 5.62 13.16 22.58
CA GLY A 425 6.98 12.88 22.77
C GLY A 425 7.48 11.43 22.41
N GLY A 426 6.68 10.37 22.41
CA GLY A 426 7.18 9.08 21.92
C GLY A 426 7.86 9.16 20.52
N HIS A 427 8.54 8.05 20.22
CA HIS A 427 9.24 7.77 18.90
C HIS A 427 9.15 6.32 18.55
N ASN A 428 9.37 6.04 17.28
CA ASN A 428 9.26 4.69 16.87
C ASN A 428 10.51 4.42 16.04
N ARG A 429 11.10 3.25 16.23
CA ARG A 429 12.31 3.04 15.46
C ARG A 429 12.10 1.76 14.53
N ILE A 430 12.15 1.90 13.23
CA ILE A 430 11.85 0.68 12.52
C ILE A 430 13.00 0.39 11.67
N SER A 431 13.36 -0.86 11.63
CA SER A 431 14.52 -1.01 10.69
C SER A 431 14.32 -2.19 9.73
N ILE A 432 14.61 -1.96 8.45
CA ILE A 432 14.37 -3.05 7.51
C ILE A 432 15.73 -3.51 6.93
N HIS A 433 15.94 -4.81 7.01
CA HIS A 433 17.21 -5.38 6.54
C HIS A 433 16.82 -6.30 5.34
N ASN A 434 17.51 -6.15 4.24
CA ASN A 434 17.06 -6.92 3.12
C ASN A 434 18.29 -7.63 2.34
N VAL A 435 18.27 -8.94 2.19
CA VAL A 435 19.40 -9.34 1.42
C VAL A 435 18.86 -10.26 0.24
N CYS A 436 19.39 -9.95 -0.93
CA CYS A 436 19.09 -10.81 -2.04
C CYS A 436 20.01 -10.49 -3.15
N GLU A 437 19.91 -11.37 -4.14
CA GLU A 437 20.77 -11.17 -5.37
C GLU A 437 19.95 -10.10 -6.17
N ASP A 438 20.56 -8.98 -6.29
CA ASP A 438 20.04 -7.87 -6.89
C ASP A 438 19.43 -8.02 -8.36
N SER A 439 20.23 -8.68 -9.19
CA SER A 439 19.86 -9.04 -10.50
C SER A 439 18.66 -9.89 -10.61
N LEU A 440 18.38 -10.69 -9.64
CA LEU A 440 17.22 -11.50 -9.70
C LEU A 440 15.81 -10.81 -9.46
N LEU A 441 15.89 -9.49 -9.13
CA LEU A 441 14.69 -8.64 -8.88
C LEU A 441 14.84 -7.71 -10.04
N ALA A 442 16.05 -7.33 -10.39
CA ALA A 442 16.09 -6.38 -11.48
C ALA A 442 15.53 -6.98 -12.80
N THR A 443 15.93 -8.24 -13.07
CA THR A 443 15.53 -8.93 -14.34
C THR A 443 14.01 -9.02 -14.55
N PRO A 444 13.23 -9.57 -13.58
CA PRO A 444 11.76 -9.61 -13.80
C PRO A 444 11.24 -8.14 -13.94
N LEU A 445 11.87 -7.12 -13.31
CA LEU A 445 11.45 -5.78 -13.49
C LEU A 445 11.60 -5.44 -14.95
N ILE A 446 12.79 -5.77 -15.51
CA ILE A 446 13.12 -5.42 -16.90
C ILE A 446 12.11 -6.01 -17.92
N ILE A 447 11.73 -7.23 -17.68
CA ILE A 447 10.79 -7.97 -18.40
C ILE A 447 9.38 -7.28 -18.32
N ASP A 448 8.95 -6.89 -17.10
CA ASP A 448 7.65 -6.16 -16.94
C ASP A 448 7.71 -4.84 -17.78
N LEU A 449 8.77 -4.07 -17.63
CA LEU A 449 8.88 -2.92 -18.45
C LEU A 449 8.73 -3.09 -19.99
N LEU A 450 9.35 -4.15 -20.54
CA LEU A 450 9.32 -4.43 -22.00
C LEU A 450 7.87 -4.88 -22.39
N VAL A 451 7.37 -5.80 -21.62
CA VAL A 451 6.14 -6.31 -21.82
C VAL A 451 5.07 -5.20 -21.73
N MET A 452 5.31 -4.15 -20.95
CA MET A 452 4.29 -3.13 -20.79
C MET A 452 4.41 -2.10 -21.81
N THR A 453 5.66 -1.74 -22.11
CA THR A 453 5.76 -0.79 -23.10
C THR A 453 5.29 -1.31 -24.51
N GLU A 454 5.47 -2.63 -24.75
CA GLU A 454 4.98 -3.22 -26.00
C GLU A 454 3.37 -3.11 -25.91
N PHE A 455 2.72 -3.54 -24.81
CA PHE A 455 1.29 -3.35 -24.68
C PHE A 455 0.81 -1.89 -24.98
N CYS A 456 1.56 -0.86 -24.56
CA CYS A 456 1.23 0.50 -24.75
C CYS A 456 1.31 0.94 -26.17
N THR A 457 2.34 0.42 -26.89
CA THR A 457 2.52 0.73 -28.30
C THR A 457 1.24 0.32 -29.15
N ARG A 458 0.48 -0.65 -28.73
CA ARG A 458 -0.73 -1.03 -29.38
C ARG A 458 -2.06 -0.30 -28.85
N VAL A 459 -1.88 0.71 -28.03
CA VAL A 459 -3.02 1.32 -27.51
C VAL A 459 -3.02 2.68 -28.10
N SER A 460 -4.22 3.12 -28.50
CA SER A 460 -4.45 4.56 -28.97
C SER A 460 -5.80 5.03 -28.38
N TYR A 461 -5.97 6.35 -28.40
CA TYR A 461 -7.21 6.84 -27.86
C TYR A 461 -7.73 8.08 -28.59
N LYS A 462 -8.99 8.31 -28.33
CA LYS A 462 -9.67 9.47 -28.91
C LYS A 462 -10.57 10.17 -27.85
N LYS A 463 -10.50 11.49 -27.80
CA LYS A 463 -11.37 12.33 -26.97
C LYS A 463 -12.79 12.29 -27.60
N VAL A 464 -13.78 12.23 -26.79
CA VAL A 464 -15.08 12.19 -27.35
C VAL A 464 -15.94 13.32 -26.77
N ASP A 465 -16.66 14.02 -27.66
CA ASP A 465 -17.54 15.13 -27.25
C ASP A 465 -18.95 14.64 -27.16
N PRO A 466 -19.51 14.76 -25.97
CA PRO A 466 -20.87 14.31 -25.84
C PRO A 466 -21.91 15.02 -26.82
N VAL A 467 -21.79 16.34 -27.03
CA VAL A 467 -22.85 16.95 -27.85
C VAL A 467 -22.75 16.71 -29.33
N LYS A 468 -21.53 16.62 -29.82
CA LYS A 468 -21.15 16.40 -31.22
C LYS A 468 -21.00 14.89 -31.25
N GLU A 469 -22.11 14.16 -31.47
CA GLU A 469 -21.99 12.69 -31.44
C GLU A 469 -20.94 12.09 -32.45
N ASP A 470 -19.72 12.10 -31.96
CA ASP A 470 -18.52 11.59 -32.65
C ASP A 470 -17.65 12.72 -33.19
N ALA A 471 -16.46 12.85 -32.57
CA ALA A 471 -15.39 13.84 -32.84
C ALA A 471 -14.01 13.10 -32.80
N GLY A 472 -12.93 13.86 -32.57
CA GLY A 472 -11.58 13.33 -32.47
C GLY A 472 -10.97 12.64 -33.72
N LYS A 473 -9.92 11.83 -33.50
CA LYS A 473 -9.10 11.03 -34.46
C LYS A 473 -8.04 10.28 -33.56
N PHE A 474 -7.98 8.96 -33.60
CA PHE A 474 -7.08 8.21 -32.72
C PHE A 474 -5.65 8.63 -32.59
N GLU A 475 -5.25 9.02 -31.38
CA GLU A 475 -3.83 9.28 -31.25
C GLU A 475 -3.18 8.35 -30.24
N ASN A 476 -1.85 8.36 -30.22
CA ASN A 476 -1.07 7.54 -29.24
C ASN A 476 -0.65 8.19 -27.92
N PHE A 477 -0.37 7.37 -26.93
CA PHE A 477 0.10 7.91 -25.63
C PHE A 477 1.09 9.07 -25.68
N TYR A 478 0.93 10.08 -24.80
CA TYR A 478 1.96 11.19 -24.73
C TYR A 478 3.34 10.36 -24.71
N PRO A 479 4.30 10.70 -25.62
CA PRO A 479 5.61 9.95 -25.66
C PRO A 479 6.16 9.42 -24.30
N VAL A 480 6.23 10.30 -23.28
CA VAL A 480 6.67 9.91 -21.90
C VAL A 480 5.74 8.94 -21.08
N LEU A 481 5.92 7.63 -21.28
CA LEU A 481 5.14 6.61 -20.58
C LEU A 481 5.31 6.67 -19.02
N THR A 482 4.55 7.55 -18.37
CA THR A 482 4.65 7.64 -16.90
C THR A 482 3.88 6.41 -16.43
N PHE A 483 3.26 5.72 -17.37
CA PHE A 483 2.62 4.52 -16.86
C PHE A 483 3.65 3.49 -16.21
N LEU A 484 4.90 3.54 -16.68
CA LEU A 484 5.89 2.60 -16.21
C LEU A 484 6.57 3.10 -14.90
N SER A 485 6.03 4.20 -14.37
CA SER A 485 6.63 4.78 -13.14
C SER A 485 6.81 3.73 -12.04
N TYR A 486 5.88 2.83 -11.93
CA TYR A 486 5.96 1.74 -11.04
C TYR A 486 7.31 1.04 -11.01
N TRP A 487 8.03 0.99 -12.14
CA TRP A 487 9.31 0.29 -12.06
C TRP A 487 10.51 1.18 -12.15
N LEU A 488 10.38 2.49 -12.06
CA LEU A 488 11.53 3.38 -12.21
C LEU A 488 11.61 4.40 -11.10
N LYS A 489 12.71 4.34 -10.30
CA LYS A 489 13.03 5.21 -9.10
C LYS A 489 12.82 6.73 -9.24
N ALA A 490 13.26 7.27 -10.37
CA ALA A 490 13.06 8.66 -10.68
C ALA A 490 12.14 8.76 -11.97
N PRO A 491 10.79 8.66 -11.79
CA PRO A 491 9.85 8.73 -12.94
C PRO A 491 10.02 10.05 -13.70
N LEU A 492 10.29 9.98 -15.01
CA LEU A 492 10.48 11.17 -15.83
C LEU A 492 9.09 11.83 -16.00
N THR A 493 9.04 13.16 -16.19
CA THR A 493 7.70 13.80 -16.35
C THR A 493 7.61 14.89 -17.42
N ARG A 494 6.36 15.19 -17.84
CA ARG A 494 6.14 16.28 -18.80
C ARG A 494 6.26 17.60 -18.01
N PRO A 495 6.95 18.59 -18.61
CA PRO A 495 7.25 19.95 -18.10
C PRO A 495 6.20 20.82 -17.35
N GLY A 496 5.37 20.14 -16.57
CA GLY A 496 4.39 20.82 -15.77
C GLY A 496 3.95 19.99 -14.54
N PHE A 497 4.20 18.69 -14.60
CA PHE A 497 3.73 17.83 -13.53
C PHE A 497 4.79 17.34 -12.54
N HIS A 498 4.45 17.27 -11.25
CA HIS A 498 5.44 16.81 -10.33
C HIS A 498 5.50 15.27 -10.41
N PRO A 499 6.66 14.66 -10.07
CA PRO A 499 6.60 13.19 -10.19
C PRO A 499 5.75 12.52 -9.09
N VAL A 500 5.12 11.38 -9.41
CA VAL A 500 4.32 10.64 -8.38
C VAL A 500 5.11 9.34 -8.05
N ASN A 501 5.56 9.14 -6.81
CA ASN A 501 6.35 7.91 -6.50
C ASN A 501 5.71 6.82 -5.70
N GLY A 502 4.47 7.08 -5.26
CA GLY A 502 3.76 6.14 -4.41
C GLY A 502 3.66 4.76 -4.98
N LEU A 503 4.52 3.83 -4.57
CA LEU A 503 4.40 2.50 -5.20
C LEU A 503 2.98 1.94 -5.42
N ASN A 504 2.17 1.87 -4.37
CA ASN A 504 0.86 1.26 -4.52
C ASN A 504 -0.10 2.01 -5.42
N LYS A 505 0.19 3.30 -5.58
CA LYS A 505 -0.62 4.13 -6.42
C LYS A 505 -0.28 3.98 -7.91
N GLN A 506 0.99 3.62 -8.23
CA GLN A 506 1.45 3.39 -9.57
C GLN A 506 0.89 2.08 -10.04
N ARG A 507 0.74 1.12 -9.15
CA ARG A 507 0.25 -0.18 -9.64
C ARG A 507 -1.28 -0.09 -9.85
N THR A 508 -1.93 0.64 -8.99
CA THR A 508 -3.38 0.82 -9.04
C THR A 508 -3.82 1.47 -10.39
N ALA A 509 -2.98 2.41 -10.79
CA ALA A 509 -3.08 3.12 -11.98
C ALA A 509 -3.03 2.12 -13.19
N LEU A 510 -2.23 1.04 -13.08
CA LEU A 510 -2.11 0.08 -14.14
C LEU A 510 -3.24 -0.85 -14.10
N GLU A 511 -3.65 -1.30 -12.93
CA GLU A 511 -4.72 -2.19 -13.00
C GLU A 511 -6.11 -1.52 -13.46
N ASN A 512 -6.40 -0.30 -13.02
CA ASN A 512 -7.57 0.55 -13.36
C ASN A 512 -7.53 0.73 -14.90
N PHE A 513 -6.34 0.98 -15.45
CA PHE A 513 -6.15 1.04 -16.88
C PHE A 513 -6.53 -0.25 -17.60
N LEU A 514 -6.03 -1.38 -17.16
CA LEU A 514 -6.35 -2.60 -17.83
C LEU A 514 -7.88 -2.79 -17.68
N ARG A 515 -8.34 -2.56 -16.46
CA ARG A 515 -9.72 -2.68 -16.08
C ARG A 515 -10.71 -1.86 -17.04
N LEU A 516 -10.35 -0.65 -17.26
CA LEU A 516 -11.13 0.21 -18.07
C LEU A 516 -11.11 -0.28 -19.61
N LEU A 517 -9.98 -0.85 -20.04
CA LEU A 517 -9.93 -1.27 -21.41
C LEU A 517 -10.98 -2.38 -21.56
N ILE A 518 -11.24 -3.22 -20.58
CA ILE A 518 -12.27 -4.23 -20.80
C ILE A 518 -13.62 -3.81 -20.14
N GLY A 519 -13.88 -2.51 -20.05
CA GLY A 519 -15.18 -2.06 -19.50
C GLY A 519 -15.58 -2.20 -18.00
N LEU A 520 -14.57 -2.29 -17.08
CA LEU A 520 -14.83 -2.41 -15.65
C LEU A 520 -14.37 -1.08 -15.04
N PRO A 521 -15.06 -0.67 -13.96
CA PRO A 521 -14.74 0.58 -13.28
C PRO A 521 -13.49 0.34 -12.27
N SER A 522 -12.92 1.44 -11.73
CA SER A 522 -11.86 1.52 -10.74
C SER A 522 -12.25 0.68 -9.61
N GLN A 523 -11.32 0.03 -8.96
CA GLN A 523 -11.70 -0.81 -7.82
C GLN A 523 -12.11 0.20 -6.72
N ASN A 524 -13.15 -0.02 -5.92
CA ASN A 524 -13.45 1.03 -4.92
C ASN A 524 -13.25 0.52 -3.47
N GLU A 525 -13.31 -0.81 -3.36
CA GLU A 525 -13.16 -1.58 -2.17
C GLU A 525 -14.27 -1.40 -1.16
N LEU A 526 -15.37 -0.70 -1.51
CA LEU A 526 -16.43 -0.45 -0.53
C LEU A 526 -17.24 -1.60 -0.09
N ARG A 527 -17.24 -2.70 -0.85
CA ARG A 527 -18.00 -3.87 -0.52
C ARG A 527 -19.37 -3.71 0.07
N PHE A 528 -20.23 -2.85 -0.53
CA PHE A 528 -21.60 -2.64 0.05
C PHE A 528 -22.49 -3.89 0.11
N GLU A 529 -22.17 -4.95 -0.59
CA GLU A 529 -23.06 -6.07 -0.47
C GLU A 529 -22.73 -6.78 0.83
N GLU A 530 -21.72 -6.32 1.53
CA GLU A 530 -21.40 -6.99 2.80
C GLU A 530 -21.73 -6.01 3.93
N ARG A 531 -21.39 -4.77 3.65
CA ARG A 531 -21.48 -3.63 4.51
C ARG A 531 -22.91 -3.01 4.63
N LEU A 532 -23.91 -3.59 3.95
CA LEU A 532 -25.24 -2.98 3.96
C LEU A 532 -26.52 -3.90 3.99
N LEU A 533 -27.00 -4.18 2.77
CA LEU A 533 -28.22 -4.99 2.46
C LEU A 533 -29.45 -4.14 2.78
N THR B 10 -10.57 24.47 8.39
CA THR B 10 -10.37 23.84 7.04
C THR B 10 -11.62 23.15 6.74
N SER B 11 -12.08 23.39 5.50
CA SER B 11 -13.31 22.71 5.10
C SER B 11 -13.42 22.41 3.61
N VAL B 12 -14.35 21.52 3.34
CA VAL B 12 -14.50 21.20 1.95
C VAL B 12 -15.94 21.39 1.28
N LYS B 13 -15.93 22.08 0.13
CA LYS B 13 -17.19 22.32 -0.62
C LYS B 13 -17.18 21.82 -2.07
N VAL B 14 -17.94 20.74 -2.31
CA VAL B 14 -18.05 20.15 -3.67
C VAL B 14 -19.37 20.34 -4.50
N VAL B 15 -19.15 20.96 -5.65
CA VAL B 15 -20.25 21.24 -6.57
C VAL B 15 -20.71 19.99 -7.27
N THR B 16 -21.83 19.44 -6.93
CA THR B 16 -22.23 18.25 -7.63
C THR B 16 -23.77 18.26 -7.45
N ASP B 17 -24.51 17.56 -8.29
CA ASP B 17 -25.91 17.53 -8.05
C ASP B 17 -26.23 16.31 -7.44
N LYS B 18 -25.21 15.61 -6.97
CA LYS B 18 -25.57 14.36 -6.34
C LYS B 18 -26.00 14.56 -4.85
N CYS B 19 -25.65 15.74 -4.36
CA CYS B 19 -25.86 16.15 -2.99
C CYS B 19 -26.84 17.33 -2.67
N THR B 20 -27.84 17.06 -1.86
CA THR B 20 -28.70 18.14 -1.44
C THR B 20 -28.69 18.26 0.08
N TYR B 21 -28.56 19.50 0.53
CA TYR B 21 -28.60 19.81 1.95
C TYR B 21 -30.02 20.11 2.45
N LYS B 22 -30.69 19.11 3.00
CA LYS B 22 -32.01 19.42 3.52
C LYS B 22 -31.97 20.12 4.90
N ASP B 23 -32.79 19.63 5.83
CA ASP B 23 -32.90 20.39 7.07
C ASP B 23 -31.56 20.95 7.55
N ASN B 24 -30.78 19.96 7.99
CA ASN B 24 -29.40 19.87 8.53
C ASN B 24 -29.19 18.34 8.29
N GLU B 25 -29.39 17.94 7.04
CA GLU B 25 -29.29 16.55 6.63
C GLU B 25 -28.59 16.69 5.26
N LEU B 26 -27.80 15.69 4.85
CA LEU B 26 -27.21 15.75 3.50
C LEU B 26 -27.78 14.54 2.84
N LEU B 27 -28.28 14.73 1.61
CA LEU B 27 -28.84 13.55 0.90
C LEU B 27 -27.89 13.35 -0.27
N THR B 28 -27.35 12.16 -0.37
CA THR B 28 -26.36 11.96 -1.45
C THR B 28 -26.68 10.84 -2.29
N LYS B 29 -26.65 11.10 -3.59
CA LYS B 29 -26.92 9.93 -4.47
C LYS B 29 -25.61 9.26 -4.86
N TYR B 30 -25.65 7.93 -4.95
CA TYR B 30 -24.42 7.22 -5.32
C TYR B 30 -24.70 5.95 -6.07
N SER B 31 -23.93 5.78 -7.12
CA SER B 31 -24.02 4.65 -7.90
C SER B 31 -22.91 3.54 -7.68
N TYR B 32 -23.26 2.46 -7.04
CA TYR B 32 -22.43 1.36 -6.74
C TYR B 32 -22.15 0.27 -7.81
N GLU B 33 -21.03 0.44 -8.49
CA GLU B 33 -20.62 -0.57 -9.46
C GLU B 33 -19.66 -1.61 -8.87
N ASN B 34 -19.85 -2.85 -9.26
CA ASN B 34 -19.13 -3.97 -8.86
C ASN B 34 -19.29 -5.00 -10.02
N ALA B 35 -18.99 -6.27 -9.77
CA ALA B 35 -19.02 -7.34 -10.78
C ALA B 35 -19.04 -8.76 -10.22
N VAL B 36 -19.69 -9.67 -10.97
CA VAL B 36 -19.79 -11.04 -10.56
C VAL B 36 -19.15 -11.81 -11.66
N VAL B 37 -18.41 -12.81 -11.17
CA VAL B 37 -17.53 -13.60 -11.99
C VAL B 37 -17.74 -15.04 -11.79
N THR B 38 -17.62 -15.79 -12.87
CA THR B 38 -17.74 -17.24 -12.73
C THR B 38 -16.51 -17.75 -13.46
N LYS B 39 -16.03 -18.94 -13.18
CA LYS B 39 -14.83 -19.42 -13.95
C LYS B 39 -15.29 -20.67 -14.66
N THR B 40 -14.90 -20.81 -15.93
CA THR B 40 -15.28 -21.99 -16.76
C THR B 40 -14.82 -23.37 -16.31
N ALA B 41 -13.50 -23.48 -16.19
CA ALA B 41 -12.81 -24.75 -15.92
C ALA B 41 -12.17 -25.02 -17.31
N SER B 42 -12.13 -23.98 -18.16
CA SER B 42 -11.43 -23.99 -19.52
C SER B 42 -10.56 -22.73 -19.37
N GLY B 43 -10.59 -22.18 -18.15
CA GLY B 43 -9.77 -21.03 -17.81
C GLY B 43 -10.25 -19.65 -18.16
N ARG B 44 -11.58 -19.54 -18.33
CA ARG B 44 -12.17 -18.24 -18.66
C ARG B 44 -13.00 -17.64 -17.54
N PHE B 45 -12.78 -16.37 -17.32
CA PHE B 45 -13.56 -15.72 -16.29
C PHE B 45 -14.69 -14.87 -16.95
N ASP B 46 -15.94 -15.24 -16.71
CA ASP B 46 -17.06 -14.43 -17.24
C ASP B 46 -17.43 -13.43 -16.21
N VAL B 47 -17.41 -12.19 -16.66
CA VAL B 47 -17.61 -11.02 -15.81
C VAL B 47 -18.81 -10.15 -16.22
N THR B 48 -19.74 -10.12 -15.26
CA THR B 48 -20.98 -9.39 -15.31
C THR B 48 -21.02 -8.20 -14.42
N PRO B 49 -20.90 -6.99 -14.96
CA PRO B 49 -20.94 -5.91 -13.96
C PRO B 49 -22.28 -5.80 -13.25
N THR B 50 -22.33 -5.11 -12.11
CA THR B 50 -23.56 -4.98 -11.37
C THR B 50 -23.64 -3.56 -10.87
N VAL B 51 -24.88 -3.08 -10.66
CA VAL B 51 -25.15 -1.75 -10.17
C VAL B 51 -26.31 -1.83 -9.26
N GLN B 52 -26.18 -0.90 -8.31
CA GLN B 52 -27.11 -0.68 -7.21
C GLN B 52 -27.04 0.80 -6.88
N ASP B 53 -28.20 1.46 -6.92
CA ASP B 53 -28.16 2.86 -6.63
C ASP B 53 -28.57 3.02 -5.19
N TYR B 54 -28.04 4.04 -4.51
CA TYR B 54 -28.31 4.31 -3.10
C TYR B 54 -28.52 5.74 -2.84
N VAL B 55 -29.19 5.93 -1.69
CA VAL B 55 -29.20 7.27 -1.14
C VAL B 55 -28.76 7.12 0.31
N PHE B 56 -27.86 8.02 0.66
CA PHE B 56 -27.23 8.11 1.95
C PHE B 56 -27.71 9.43 2.56
N LYS B 57 -28.06 9.35 3.86
CA LYS B 57 -28.51 10.55 4.62
C LYS B 57 -27.51 10.59 5.77
N LEU B 58 -26.89 11.73 5.85
CA LEU B 58 -25.92 12.02 6.85
C LEU B 58 -26.41 13.24 7.71
N ASP B 59 -26.83 12.88 8.92
CA ASP B 59 -27.21 13.88 9.90
C ASP B 59 -26.02 14.71 10.22
N LEU B 60 -26.00 15.94 9.81
CA LEU B 60 -24.88 16.71 10.04
C LEU B 60 -24.81 17.34 11.42
N LYS B 61 -25.72 17.05 12.35
CA LYS B 61 -25.47 17.77 13.62
C LYS B 61 -24.62 16.86 14.53
N LYS B 62 -23.41 17.28 14.79
CA LYS B 62 -22.55 16.42 15.65
C LYS B 62 -22.65 16.73 17.17
N PRO B 63 -22.67 15.69 18.03
CA PRO B 63 -22.71 16.00 19.49
C PRO B 63 -21.58 17.00 19.71
N GLU B 64 -21.77 18.06 20.48
CA GLU B 64 -20.62 18.97 20.66
C GLU B 64 -19.67 18.35 21.74
N LYS B 65 -20.22 17.40 22.50
CA LYS B 65 -19.53 16.67 23.47
C LYS B 65 -19.80 15.21 23.27
N LEU B 66 -18.77 14.37 23.26
CA LEU B 66 -19.12 12.96 23.09
C LEU B 66 -18.62 12.11 24.26
N GLY B 67 -19.47 11.32 24.78
CA GLY B 67 -19.04 10.56 25.88
C GLY B 67 -18.44 9.24 25.44
N ILE B 68 -17.31 8.94 26.08
CA ILE B 68 -16.54 7.67 25.85
C ILE B 68 -16.44 6.93 27.16
N MET B 69 -16.99 5.73 27.20
CA MET B 69 -16.81 4.99 28.34
C MET B 69 -15.85 3.73 28.04
N LEU B 70 -14.63 3.76 28.62
CA LEU B 70 -13.60 2.61 28.55
C LEU B 70 -13.61 1.53 29.52
N ILE B 71 -13.85 0.26 29.18
CA ILE B 71 -13.66 -0.88 30.10
C ILE B 71 -12.11 -1.04 30.06
N GLY B 72 -11.51 -0.91 31.25
CA GLY B 72 -10.02 -0.96 31.36
C GLY B 72 -9.54 0.41 31.40
N LEU B 73 -10.42 1.29 31.99
CA LEU B 73 -9.98 2.75 31.97
C LEU B 73 -8.64 2.86 32.64
N GLY B 74 -8.40 2.05 33.65
CA GLY B 74 -7.11 2.21 34.29
C GLY B 74 -5.73 1.75 33.68
N GLY B 75 -5.64 1.39 32.35
CA GLY B 75 -4.35 0.83 31.92
C GLY B 75 -3.55 1.68 31.18
N ASN B 76 -2.70 0.98 30.39
CA ASN B 76 -1.85 1.76 29.61
C ASN B 76 -2.71 2.52 28.51
N ASN B 77 -3.58 1.79 27.88
CA ASN B 77 -4.35 2.44 26.73
C ASN B 77 -5.34 3.59 27.36
N GLY B 78 -6.17 3.12 28.26
CA GLY B 78 -7.15 3.97 29.03
C GLY B 78 -6.48 5.25 29.53
N SER B 79 -5.31 5.04 30.18
CA SER B 79 -4.68 6.18 30.79
C SER B 79 -4.09 7.08 29.88
N THR B 80 -3.51 6.48 28.83
CA THR B 80 -2.82 7.46 28.02
C THR B 80 -3.92 8.20 27.07
N LEU B 81 -5.02 7.55 26.82
CA LEU B 81 -6.29 8.12 26.05
C LEU B 81 -6.73 9.49 26.76
N VAL B 82 -7.13 9.35 28.04
CA VAL B 82 -7.42 10.49 28.88
C VAL B 82 -6.30 11.43 28.91
N ALA B 83 -5.01 10.96 29.00
CA ALA B 83 -3.98 12.02 28.96
C ALA B 83 -3.86 12.74 27.68
N SER B 84 -4.04 12.01 26.53
CA SER B 84 -3.86 12.82 25.33
C SER B 84 -5.13 13.75 25.14
N VAL B 85 -6.34 13.33 25.46
CA VAL B 85 -7.54 14.28 25.32
C VAL B 85 -7.26 15.54 26.15
N LEU B 86 -6.93 15.31 27.41
CA LEU B 86 -6.52 16.48 28.25
C LEU B 86 -5.36 17.22 27.78
N ALA B 87 -4.26 16.57 27.35
CA ALA B 87 -3.18 17.46 26.98
C ALA B 87 -3.42 18.22 25.75
N ASN B 88 -4.08 17.55 24.84
CA ASN B 88 -4.28 18.36 23.56
C ASN B 88 -5.32 19.51 23.82
N LYS B 89 -6.48 19.14 24.39
CA LYS B 89 -7.55 20.06 24.72
C LYS B 89 -7.05 21.32 25.46
N HIS B 90 -6.19 21.16 26.52
CA HIS B 90 -5.65 22.26 27.28
C HIS B 90 -4.37 22.70 26.91
N ASN B 91 -4.02 22.48 25.66
CA ASN B 91 -2.71 22.81 25.12
C ASN B 91 -1.56 22.60 26.10
N VAL B 92 -1.47 21.44 26.77
CA VAL B 92 -0.33 21.35 27.73
C VAL B 92 1.10 20.97 27.25
N GLU B 93 1.85 21.97 26.83
CA GLU B 93 3.20 21.76 26.43
C GLU B 93 3.97 21.18 27.62
N PHE B 94 5.11 20.63 27.28
CA PHE B 94 5.95 19.85 28.23
C PHE B 94 7.42 19.69 27.88
N GLN B 95 8.07 19.57 29.00
CA GLN B 95 9.50 19.48 29.02
C GLN B 95 10.15 18.10 28.67
N THR B 96 11.23 18.15 27.92
CA THR B 96 11.95 16.88 27.67
C THR B 96 13.41 17.16 27.42
N LYS B 97 14.22 16.07 27.29
CA LYS B 97 15.65 16.18 26.93
C LYS B 97 15.74 17.00 25.73
N GLU B 98 14.75 16.89 24.88
CA GLU B 98 14.92 17.67 23.64
C GLU B 98 14.32 19.00 23.61
N GLY B 99 13.76 19.53 24.73
CA GLY B 99 13.20 20.87 24.59
C GLY B 99 11.70 20.89 24.84
N VAL B 100 11.09 22.05 24.84
CA VAL B 100 9.64 21.97 25.13
C VAL B 100 8.91 21.34 23.95
N LYS B 101 7.97 20.47 24.26
CA LYS B 101 7.24 19.80 23.20
C LYS B 101 5.74 20.19 23.29
N GLN B 102 5.12 20.46 22.13
CA GLN B 102 3.66 20.74 22.03
C GLN B 102 2.96 19.43 21.78
N PRO B 103 1.89 19.12 22.50
CA PRO B 103 1.10 17.88 22.33
C PRO B 103 0.47 17.78 20.95
N ASN B 104 0.05 16.56 20.54
CA ASN B 104 -0.50 16.41 19.20
C ASN B 104 -1.12 15.14 19.28
N TYR B 105 -1.72 14.70 18.12
CA TYR B 105 -2.41 13.42 18.05
C TYR B 105 -1.69 12.49 16.95
N PHE B 106 -0.42 12.80 16.61
CA PHE B 106 0.47 11.86 15.78
C PHE B 106 0.07 10.40 15.96
N GLY B 107 -0.06 9.69 14.83
CA GLY B 107 -0.50 8.33 14.90
C GLY B 107 -1.97 8.20 14.70
N SER B 108 -2.70 9.32 14.62
CA SER B 108 -4.21 9.12 14.52
C SER B 108 -4.46 9.32 12.98
N MET B 109 -5.09 8.35 12.34
CA MET B 109 -5.44 8.53 10.91
C MET B 109 -6.55 9.72 10.89
N THR B 110 -7.56 9.67 11.80
CA THR B 110 -8.57 10.76 11.76
C THR B 110 -8.00 12.19 12.00
N GLN B 111 -7.03 12.39 12.92
CA GLN B 111 -6.57 13.75 13.15
C GLN B 111 -5.39 14.14 12.44
N CYS B 112 -4.57 13.16 12.02
CA CYS B 112 -3.30 13.59 11.43
C CYS B 112 -2.93 13.08 10.01
N SER B 113 -3.78 12.25 9.38
CA SER B 113 -3.48 11.99 7.93
C SER B 113 -4.37 12.86 6.98
N THR B 114 -3.91 13.11 5.74
CA THR B 114 -4.59 13.87 4.70
C THR B 114 -5.10 12.93 3.63
N LEU B 115 -5.95 13.44 2.68
CA LEU B 115 -6.62 12.74 1.54
C LEU B 115 -6.52 13.56 0.27
N LYS B 116 -6.33 12.87 -0.87
CA LYS B 116 -6.22 13.61 -2.16
C LYS B 116 -7.67 14.06 -2.57
N LEU B 117 -7.94 15.34 -2.81
CA LEU B 117 -9.36 15.68 -3.25
C LEU B 117 -9.35 15.75 -4.79
N GLY B 118 -8.25 16.18 -5.36
CA GLY B 118 -8.11 16.21 -6.81
C GLY B 118 -6.87 16.99 -7.10
N ILE B 119 -6.83 17.64 -8.25
CA ILE B 119 -5.69 18.41 -8.71
C ILE B 119 -6.04 19.88 -8.88
N ASP B 120 -5.03 20.75 -8.81
CA ASP B 120 -5.21 22.20 -8.96
C ASP B 120 -4.97 22.56 -10.44
N ALA B 121 -4.58 23.79 -10.70
CA ALA B 121 -4.45 24.08 -12.09
C ALA B 121 -3.04 23.91 -12.69
N GLU B 122 -2.22 22.99 -12.17
CA GLU B 122 -0.92 22.77 -12.85
C GLU B 122 -0.89 21.25 -13.09
N GLY B 123 -1.79 20.54 -12.37
CA GLY B 123 -1.95 19.10 -12.52
C GLY B 123 -1.52 18.35 -11.29
N ASN B 124 -1.01 19.13 -10.34
CA ASN B 124 -0.55 18.66 -9.03
C ASN B 124 -1.61 18.29 -8.05
N ASP B 125 -1.29 17.29 -7.29
CA ASP B 125 -2.14 16.75 -6.27
C ASP B 125 -2.46 17.76 -5.18
N VAL B 126 -3.75 17.82 -4.74
CA VAL B 126 -4.19 18.68 -3.67
C VAL B 126 -4.75 17.87 -2.55
N TYR B 127 -4.11 17.90 -1.35
CA TYR B 127 -4.59 17.05 -0.26
C TYR B 127 -5.31 17.89 0.77
N ALA B 128 -6.19 17.24 1.50
CA ALA B 128 -6.86 17.95 2.63
C ALA B 128 -6.95 17.04 3.86
N PRO B 129 -7.10 17.65 5.04
CA PRO B 129 -7.21 16.92 6.30
C PRO B 129 -8.22 15.92 6.12
N PHE B 130 -8.01 14.69 6.61
CA PHE B 130 -8.94 13.58 6.47
C PHE B 130 -10.26 13.89 7.15
N ASN B 131 -10.10 14.76 8.12
CA ASN B 131 -11.28 15.04 8.90
C ASN B 131 -12.03 16.37 8.52
N SER B 132 -11.56 17.01 7.42
CA SER B 132 -12.12 18.20 6.96
C SER B 132 -13.13 18.07 5.79
N LEU B 133 -13.71 16.91 5.52
CA LEU B 133 -14.58 16.69 4.36
C LEU B 133 -16.05 16.61 4.82
N LEU B 134 -16.31 15.99 5.96
CA LEU B 134 -17.61 15.95 6.54
C LEU B 134 -17.36 16.15 8.03
N PRO B 135 -18.15 17.01 8.64
CA PRO B 135 -17.84 17.15 10.04
C PRO B 135 -17.67 15.90 10.94
N MET B 136 -16.58 15.94 11.72
CA MET B 136 -16.44 14.77 12.70
C MET B 136 -16.15 15.27 14.05
N VAL B 137 -16.52 14.51 15.03
CA VAL B 137 -16.16 14.95 16.40
C VAL B 137 -14.56 14.94 16.71
N SER B 138 -14.05 16.03 17.26
CA SER B 138 -12.71 16.14 17.73
C SER B 138 -12.46 15.36 19.02
N PRO B 139 -11.28 14.61 19.16
CA PRO B 139 -11.17 13.92 20.51
C PRO B 139 -11.04 14.99 21.66
N ASN B 140 -10.67 16.21 21.34
CA ASN B 140 -10.67 17.31 22.29
C ASN B 140 -12.07 17.47 23.01
N ASP B 141 -13.13 16.90 22.45
CA ASP B 141 -14.41 17.05 23.06
C ASP B 141 -14.82 15.83 23.56
N PHE B 142 -13.93 14.84 23.73
CA PHE B 142 -14.50 13.68 24.39
C PHE B 142 -14.64 14.02 25.93
N VAL B 143 -15.48 13.23 26.58
CA VAL B 143 -15.69 13.34 27.94
C VAL B 143 -15.53 11.93 28.37
N VAL B 144 -14.47 11.63 29.17
CA VAL B 144 -14.23 10.19 29.48
C VAL B 144 -14.29 9.70 30.87
N SER B 145 -15.00 8.60 30.94
CA SER B 145 -15.23 7.83 32.05
C SER B 145 -14.98 6.29 31.74
N GLY B 146 -15.41 5.39 32.54
CA GLY B 146 -15.24 4.03 32.30
C GLY B 146 -15.07 3.18 33.58
N TRP B 147 -14.75 1.92 33.39
CA TRP B 147 -14.64 1.01 34.49
C TRP B 147 -13.21 0.32 34.60
N ASP B 148 -12.92 -0.26 35.76
CA ASP B 148 -11.61 -0.96 35.92
C ASP B 148 -11.68 -1.71 37.17
N ILE B 149 -11.27 -2.98 37.10
CA ILE B 149 -11.23 -3.84 38.33
C ILE B 149 -10.20 -3.28 39.35
N ASN B 150 -9.42 -2.30 38.98
CA ASN B 150 -8.56 -1.63 39.87
C ASN B 150 -8.88 -0.12 40.04
N ASN B 151 -9.03 0.24 41.30
CA ASN B 151 -9.36 1.61 41.69
C ASN B 151 -8.42 2.60 41.62
N ALA B 152 -7.21 2.33 41.16
CA ALA B 152 -6.31 3.46 41.17
C ALA B 152 -6.92 4.63 40.34
N ASP B 153 -6.49 5.87 40.62
CA ASP B 153 -6.92 7.03 39.89
C ASP B 153 -6.03 7.10 38.67
N LEU B 154 -6.41 7.93 37.73
CA LEU B 154 -5.67 7.94 36.49
C LEU B 154 -4.34 8.57 36.61
N TYR B 155 -4.10 9.25 37.73
CA TYR B 155 -2.74 9.87 37.83
C TYR B 155 -1.74 8.68 38.14
N GLU B 156 -2.22 7.82 39.02
CA GLU B 156 -1.54 6.65 39.50
C GLU B 156 -1.46 5.63 38.35
N ALA B 157 -2.53 5.53 37.54
CA ALA B 157 -2.54 4.67 36.42
C ALA B 157 -1.53 5.27 35.44
N MET B 158 -1.26 6.57 35.28
CA MET B 158 -0.27 6.91 34.22
C MET B 158 1.11 6.45 34.82
N GLN B 159 1.27 6.60 36.16
CA GLN B 159 2.51 6.30 36.85
C GLN B 159 2.89 4.85 36.66
N ARG B 160 1.95 4.03 37.02
CA ARG B 160 2.14 2.70 36.88
C ARG B 160 2.35 2.17 35.37
N SER B 161 2.05 2.96 34.32
CA SER B 161 2.04 2.43 32.99
C SER B 161 3.32 2.82 32.42
N GLN B 162 3.96 3.85 32.95
CA GLN B 162 5.19 4.32 32.44
C GLN B 162 5.21 4.47 30.96
N VAL B 163 4.06 4.87 30.41
CA VAL B 163 4.20 5.26 29.07
C VAL B 163 4.56 6.65 28.80
N LEU B 164 4.08 7.63 29.58
CA LEU B 164 4.40 9.01 29.22
C LEU B 164 5.56 9.76 29.92
N GLU B 165 6.14 10.72 29.21
CA GLU B 165 7.14 11.48 29.80
C GLU B 165 6.82 11.92 31.23
N TYR B 166 7.89 12.00 31.99
CA TYR B 166 7.70 12.29 33.47
C TYR B 166 7.12 13.67 33.67
N ASP B 167 7.62 14.66 32.99
CA ASP B 167 7.22 16.03 33.18
C ASP B 167 5.87 16.35 32.67
N LEU B 168 5.27 15.41 31.89
CA LEU B 168 3.99 15.64 31.35
C LEU B 168 3.14 14.87 32.32
N GLN B 169 3.61 13.78 32.90
CA GLN B 169 2.78 13.20 33.89
C GLN B 169 2.55 14.30 35.05
N GLN B 170 3.58 14.97 35.44
CA GLN B 170 3.51 16.00 36.52
C GLN B 170 2.52 17.20 36.15
N ARG B 171 2.61 17.74 34.92
CA ARG B 171 1.75 18.79 34.42
C ARG B 171 0.27 18.39 34.34
N LEU B 172 -0.06 17.11 34.34
CA LEU B 172 -1.41 16.59 34.28
C LEU B 172 -1.89 15.98 35.49
N LYS B 173 -1.00 15.99 36.46
CA LYS B 173 -1.24 15.29 37.75
C LYS B 173 -2.59 15.77 38.49
N ALA B 174 -2.75 17.04 38.57
CA ALA B 174 -3.96 17.71 39.24
C ALA B 174 -5.16 17.27 38.47
N LYS B 175 -5.12 17.38 37.14
CA LYS B 175 -6.35 16.85 36.52
C LYS B 175 -6.51 15.41 36.51
N MET B 176 -5.41 14.64 36.31
CA MET B 176 -5.64 13.11 36.17
C MET B 176 -5.94 12.52 37.45
N SER B 177 -5.37 13.10 38.55
CA SER B 177 -5.83 12.47 39.87
C SER B 177 -7.35 12.58 40.17
N LEU B 178 -8.13 13.48 39.59
CA LEU B 178 -9.54 13.49 39.90
C LEU B 178 -10.28 12.35 39.24
N VAL B 179 -9.68 11.73 38.18
CA VAL B 179 -10.48 10.69 37.49
C VAL B 179 -10.34 9.32 38.08
N LYS B 180 -11.41 8.66 38.46
CA LYS B 180 -11.34 7.35 39.00
C LYS B 180 -12.19 6.42 38.21
N PRO B 181 -11.67 5.20 38.02
CA PRO B 181 -12.38 4.19 37.26
C PRO B 181 -13.53 3.73 38.13
N LEU B 182 -14.68 3.46 37.53
CA LEU B 182 -15.84 2.92 38.27
C LEU B 182 -15.57 1.42 38.52
N PRO B 183 -16.28 0.77 39.45
CA PRO B 183 -15.94 -0.61 39.60
C PRO B 183 -16.52 -1.46 38.49
N SER B 184 -15.91 -2.63 38.30
CA SER B 184 -16.32 -3.45 37.18
C SER B 184 -16.72 -4.87 37.37
N ILE B 185 -16.85 -5.67 36.29
CA ILE B 185 -17.30 -7.03 36.55
C ILE B 185 -16.02 -7.93 36.37
N TYR B 186 -15.78 -8.80 37.36
CA TYR B 186 -14.54 -9.58 37.47
C TYR B 186 -14.90 -11.01 37.55
N TYR B 187 -14.83 -11.79 36.48
CA TYR B 187 -15.17 -13.23 36.62
C TYR B 187 -13.75 -13.80 36.47
N PRO B 188 -13.03 -14.02 37.65
CA PRO B 188 -11.64 -14.49 37.65
C PRO B 188 -11.35 -15.57 36.67
N ASP B 189 -12.26 -16.51 36.52
CA ASP B 189 -11.96 -17.52 35.58
C ASP B 189 -12.14 -17.21 34.13
N PHE B 190 -11.91 -15.97 33.74
CA PHE B 190 -12.08 -15.55 32.38
C PHE B 190 -10.84 -14.88 31.96
N ILE B 191 -10.00 -14.47 32.94
CA ILE B 191 -8.68 -13.88 32.66
C ILE B 191 -7.53 -14.76 33.29
N ALA B 192 -6.28 -14.27 33.16
CA ALA B 192 -5.02 -14.90 33.69
C ALA B 192 -5.00 -14.77 35.23
N ALA B 193 -5.15 -15.95 35.82
CA ALA B 193 -5.15 -16.10 37.27
C ALA B 193 -4.38 -14.98 38.02
N ASN B 194 -3.26 -14.54 37.44
CA ASN B 194 -2.34 -13.53 37.99
C ASN B 194 -2.90 -12.11 38.06
N GLN B 195 -4.12 -11.89 37.52
CA GLN B 195 -4.80 -10.55 37.50
C GLN B 195 -5.69 -10.55 38.69
N ASP B 196 -5.60 -11.61 39.50
CA ASP B 196 -6.36 -11.71 40.75
C ASP B 196 -6.04 -10.48 41.61
N GLU B 197 -5.08 -10.54 42.53
CA GLU B 197 -4.80 -9.37 43.39
C GLU B 197 -4.90 -7.86 42.88
N ARG B 198 -5.07 -7.63 41.57
CA ARG B 198 -5.19 -6.25 41.03
C ARG B 198 -6.64 -5.75 41.16
N ALA B 199 -7.51 -6.73 41.30
CA ALA B 199 -8.91 -6.61 41.37
C ALA B 199 -9.46 -6.06 42.69
N ASN B 200 -9.32 -4.73 42.88
CA ASN B 200 -9.89 -4.29 44.15
C ASN B 200 -11.13 -3.35 43.93
N ASN B 201 -11.78 -3.43 42.74
CA ASN B 201 -12.93 -2.51 42.36
C ASN B 201 -14.06 -3.27 41.61
N CYS B 202 -14.70 -4.23 42.31
CA CYS B 202 -15.77 -5.09 41.71
C CYS B 202 -17.13 -4.84 42.35
N ILE B 203 -18.14 -4.94 41.40
CA ILE B 203 -19.57 -4.68 41.75
C ILE B 203 -20.08 -6.02 42.00
N ASN B 204 -19.40 -7.07 41.51
CA ASN B 204 -20.02 -8.37 41.77
C ASN B 204 -19.57 -8.97 43.06
N LEU B 205 -20.19 -8.52 44.14
CA LEU B 205 -19.79 -9.02 45.43
C LEU B 205 -20.99 -9.75 45.99
N ASP B 206 -20.74 -10.87 46.68
CA ASP B 206 -21.82 -11.66 47.29
C ASP B 206 -22.05 -11.22 48.74
N GLU B 207 -23.30 -11.24 49.19
CA GLU B 207 -23.62 -10.81 50.58
C GLU B 207 -22.65 -11.35 51.68
N LYS B 208 -21.39 -11.07 51.55
CA LYS B 208 -20.35 -11.52 52.48
C LYS B 208 -19.44 -10.34 52.22
N GLY B 209 -18.83 -10.39 51.05
CA GLY B 209 -18.03 -9.30 50.58
C GLY B 209 -17.33 -9.77 49.33
N ASN B 210 -17.29 -11.08 49.12
CA ASN B 210 -16.59 -11.74 48.04
C ASN B 210 -17.06 -11.70 46.58
N VAL B 211 -16.11 -11.59 45.64
CA VAL B 211 -16.51 -11.60 44.24
C VAL B 211 -17.16 -12.91 43.88
N THR B 212 -18.33 -12.76 43.31
CA THR B 212 -19.11 -13.89 42.97
C THR B 212 -19.35 -13.79 41.54
N THR B 213 -20.02 -14.83 41.09
CA THR B 213 -20.38 -15.05 39.69
C THR B 213 -21.90 -15.24 39.62
N ARG B 214 -22.54 -15.25 40.80
CA ARG B 214 -23.99 -15.34 40.92
C ARG B 214 -24.43 -13.92 40.71
N GLY B 215 -25.63 -13.70 40.15
CA GLY B 215 -26.17 -12.34 39.94
C GLY B 215 -25.78 -11.63 38.67
N LYS B 216 -25.56 -12.39 37.60
CA LYS B 216 -25.09 -11.75 36.33
C LYS B 216 -26.07 -10.67 35.74
N TRP B 217 -27.40 -10.87 35.92
CA TRP B 217 -28.41 -9.85 35.52
C TRP B 217 -28.25 -8.54 36.38
N THR B 218 -27.95 -8.71 37.69
CA THR B 218 -27.83 -7.50 38.46
C THR B 218 -26.58 -6.78 38.07
N HIS B 219 -25.56 -7.53 37.62
CA HIS B 219 -24.35 -6.82 37.16
C HIS B 219 -24.74 -6.21 35.80
N LEU B 220 -25.43 -6.97 34.95
CA LEU B 220 -25.85 -6.31 33.71
C LEU B 220 -26.66 -4.97 34.04
N GLN B 221 -27.53 -5.04 35.06
CA GLN B 221 -28.28 -3.80 35.36
C GLN B 221 -27.50 -2.73 35.99
N ARG B 222 -26.46 -3.09 36.78
CA ARG B 222 -25.69 -1.99 37.36
C ARG B 222 -24.93 -1.34 36.28
N ILE B 223 -24.47 -2.06 35.22
CA ILE B 223 -23.75 -1.37 34.09
C ILE B 223 -24.68 -0.35 33.29
N ARG B 224 -25.88 -0.80 32.92
CA ARG B 224 -26.85 0.22 32.27
C ARG B 224 -27.04 1.52 33.16
N ARG B 225 -27.22 1.28 34.47
CA ARG B 225 -27.28 2.39 35.49
C ARG B 225 -26.05 3.27 35.40
N ASP B 226 -24.81 2.65 35.34
CA ASP B 226 -23.62 3.50 35.16
C ASP B 226 -23.65 4.23 33.90
N ILE B 227 -24.10 3.60 32.79
CA ILE B 227 -24.12 4.37 31.52
C ILE B 227 -25.25 5.54 31.66
N GLN B 228 -26.41 5.23 32.26
CA GLN B 228 -27.49 6.37 32.38
C GLN B 228 -27.01 7.54 33.22
N ASN B 229 -26.39 7.11 34.35
CA ASN B 229 -25.90 8.11 35.23
C ASN B 229 -24.80 8.89 34.60
N PHE B 230 -23.97 8.24 33.80
CA PHE B 230 -22.88 9.04 33.26
C PHE B 230 -23.43 9.99 32.28
N LYS B 231 -24.40 9.49 31.54
CA LYS B 231 -25.08 10.38 30.51
C LYS B 231 -25.78 11.63 31.30
N GLU B 232 -26.61 11.31 32.29
CA GLU B 232 -27.21 12.35 33.17
C GLU B 232 -26.28 13.35 33.85
N GLU B 233 -25.31 12.85 34.57
CA GLU B 233 -24.40 13.69 35.32
C GLU B 233 -23.62 14.56 34.39
N ASN B 234 -23.39 14.14 33.15
CA ASN B 234 -22.58 15.08 32.30
C ASN B 234 -23.40 15.82 31.23
N ALA B 235 -24.72 15.53 31.22
CA ALA B 235 -25.71 16.13 30.23
C ALA B 235 -25.30 15.79 28.76
N LEU B 236 -25.30 14.52 28.32
CA LEU B 236 -24.81 14.17 26.97
C LEU B 236 -25.76 13.14 26.49
N ASP B 237 -26.01 13.15 25.22
CA ASP B 237 -26.94 12.12 24.74
C ASP B 237 -26.12 11.10 23.98
N LYS B 238 -24.95 11.51 23.48
CA LYS B 238 -24.17 10.53 22.76
C LYS B 238 -22.90 10.02 23.55
N VAL B 239 -23.00 8.76 23.82
CA VAL B 239 -21.98 8.01 24.44
C VAL B 239 -21.42 6.81 23.63
N ILE B 240 -20.11 6.54 23.61
CA ILE B 240 -19.70 5.23 23.00
C ILE B 240 -18.93 4.39 24.02
N VAL B 241 -19.23 3.11 24.17
CA VAL B 241 -18.48 2.24 25.01
C VAL B 241 -17.36 1.47 24.15
N LEU B 242 -16.20 1.26 24.79
CA LEU B 242 -15.04 0.57 24.15
C LEU B 242 -14.21 -0.24 25.18
N TRP B 243 -14.19 -1.57 24.96
CA TRP B 243 -13.42 -2.50 25.66
C TRP B 243 -11.87 -2.46 25.33
N THR B 244 -11.09 -2.08 26.35
CA THR B 244 -9.67 -2.02 26.30
C THR B 244 -9.09 -2.64 27.57
N ALA B 245 -9.71 -3.69 28.02
CA ALA B 245 -9.40 -4.27 29.18
C ALA B 245 -8.56 -5.48 28.69
N ASN B 246 -8.19 -6.36 29.65
CA ASN B 246 -7.35 -7.50 29.25
C ASN B 246 -8.15 -8.45 28.48
N THR B 247 -7.42 -9.13 27.59
CA THR B 247 -7.98 -10.21 26.77
C THR B 247 -8.61 -11.29 27.57
N GLU B 248 -9.87 -11.65 27.32
CA GLU B 248 -10.46 -12.76 28.02
C GLU B 248 -10.15 -13.92 27.14
N ARG B 249 -10.53 -15.05 27.66
CA ARG B 249 -10.37 -16.20 26.88
C ARG B 249 -11.74 -16.38 26.17
N TYR B 250 -11.68 -16.98 24.96
CA TYR B 250 -12.88 -17.32 24.22
C TYR B 250 -13.84 -18.10 25.09
N VAL B 251 -15.14 -17.90 24.82
CA VAL B 251 -16.21 -18.62 25.51
C VAL B 251 -16.59 -19.47 24.34
N GLU B 252 -17.24 -20.57 24.66
CA GLU B 252 -17.73 -21.53 23.70
C GLU B 252 -19.15 -21.12 23.28
N VAL B 253 -19.38 -21.00 21.96
CA VAL B 253 -20.70 -20.72 21.37
C VAL B 253 -21.55 -22.04 21.32
N SER B 254 -22.63 -22.07 22.07
CA SER B 254 -23.48 -23.24 22.14
C SER B 254 -24.98 -22.97 21.95
N PRO B 255 -25.73 -23.97 21.38
CA PRO B 255 -27.16 -23.96 21.07
C PRO B 255 -28.02 -23.76 22.28
N GLY B 256 -28.82 -22.70 22.30
CA GLY B 256 -29.68 -22.57 23.43
C GLY B 256 -29.08 -21.95 24.65
N VAL B 257 -27.91 -21.33 24.52
CA VAL B 257 -27.30 -20.61 25.63
C VAL B 257 -26.88 -19.24 25.06
N ASN B 258 -26.08 -19.17 24.00
CA ASN B 258 -25.77 -17.85 23.48
C ASN B 258 -25.91 -17.67 21.95
N ASP B 259 -26.59 -18.64 21.33
CA ASP B 259 -26.88 -18.64 19.86
C ASP B 259 -27.89 -17.53 19.50
N THR B 260 -28.86 -17.26 20.34
CA THR B 260 -29.84 -16.23 20.00
C THR B 260 -30.14 -15.18 21.09
N MET B 261 -30.63 -14.03 20.66
CA MET B 261 -30.99 -12.97 21.57
C MET B 261 -31.74 -13.53 22.80
N GLU B 262 -32.68 -14.40 22.56
CA GLU B 262 -33.39 -14.87 23.70
C GLU B 262 -32.65 -15.89 24.56
N ASN B 263 -31.82 -16.73 23.95
CA ASN B 263 -31.07 -17.65 24.79
C ASN B 263 -30.05 -16.90 25.70
N LEU B 264 -29.30 -16.00 25.08
CA LEU B 264 -28.31 -15.20 25.70
C LEU B 264 -28.91 -14.41 26.84
N LEU B 265 -30.06 -13.79 26.60
CA LEU B 265 -30.65 -13.00 27.69
C LEU B 265 -30.95 -13.95 28.84
N GLN B 266 -31.63 -15.02 28.53
CA GLN B 266 -31.96 -15.95 29.58
C GLN B 266 -30.70 -16.53 30.27
N SER B 267 -29.62 -16.64 29.48
CA SER B 267 -28.41 -17.28 30.01
C SER B 267 -27.82 -16.44 31.11
N ILE B 268 -27.70 -15.15 30.83
CA ILE B 268 -27.22 -14.10 31.74
C ILE B 268 -28.07 -14.18 33.04
N LYS B 269 -29.39 -14.37 32.89
CA LYS B 269 -30.36 -14.47 33.96
C LYS B 269 -30.12 -15.76 34.67
N ASN B 270 -29.86 -16.83 33.92
CA ASN B 270 -29.49 -18.12 34.55
C ASN B 270 -27.93 -18.19 35.02
N ASP B 271 -27.16 -17.10 35.02
CA ASP B 271 -25.78 -17.17 35.52
C ASP B 271 -24.79 -18.15 34.85
N HIS B 272 -25.17 -18.57 33.65
CA HIS B 272 -24.39 -19.50 32.85
C HIS B 272 -22.90 -19.22 32.68
N GLU B 273 -22.15 -20.29 32.82
CA GLU B 273 -20.73 -20.22 32.69
C GLU B 273 -20.31 -19.57 31.43
N GLU B 274 -21.07 -19.63 30.35
CA GLU B 274 -20.53 -18.95 29.14
C GLU B 274 -20.76 -17.47 28.98
N ILE B 275 -21.15 -16.79 30.05
CA ILE B 275 -21.31 -15.35 29.93
C ILE B 275 -20.12 -14.73 30.62
N ALA B 276 -19.40 -13.94 29.84
CA ALA B 276 -18.19 -13.27 30.27
C ALA B 276 -18.37 -11.81 30.61
N PRO B 277 -17.39 -11.23 31.36
CA PRO B 277 -17.62 -9.83 31.66
C PRO B 277 -17.94 -9.06 30.39
N SER B 278 -17.17 -9.37 29.36
CA SER B 278 -17.28 -8.83 28.01
C SER B 278 -18.71 -8.78 27.48
N THR B 279 -19.29 -9.95 27.56
CA THR B 279 -20.59 -10.23 27.16
C THR B 279 -21.58 -9.25 27.85
N ILE B 280 -21.50 -9.15 29.18
CA ILE B 280 -22.40 -8.31 29.99
C ILE B 280 -22.25 -6.89 29.57
N PHE B 281 -21.06 -6.43 29.41
CA PHE B 281 -20.94 -5.04 29.05
C PHE B 281 -21.52 -4.69 27.63
N ALA B 282 -21.43 -5.72 26.76
CA ALA B 282 -21.80 -5.56 25.35
C ALA B 282 -23.28 -5.44 25.41
N ALA B 283 -23.87 -6.39 26.05
CA ALA B 283 -25.27 -6.46 26.12
C ALA B 283 -25.88 -5.22 26.78
N ALA B 284 -25.22 -4.65 27.80
CA ALA B 284 -25.73 -3.49 28.50
C ALA B 284 -25.62 -2.31 27.62
N SER B 285 -24.66 -2.37 26.74
CA SER B 285 -24.49 -1.22 25.93
C SER B 285 -25.61 -1.12 24.85
N ILE B 286 -25.91 -2.32 24.33
CA ILE B 286 -26.86 -2.47 23.26
C ILE B 286 -28.24 -2.01 23.89
N LEU B 287 -28.60 -2.67 24.99
CA LEU B 287 -29.80 -2.36 25.65
C LEU B 287 -29.94 -0.86 25.81
N GLU B 288 -28.88 -0.12 25.71
CA GLU B 288 -28.94 1.28 25.89
C GLU B 288 -28.72 2.03 24.64
N GLY B 289 -28.70 1.30 23.52
CA GLY B 289 -28.45 1.94 22.28
C GLY B 289 -27.13 2.59 22.16
N VAL B 290 -26.20 2.16 23.01
CA VAL B 290 -24.91 2.81 22.95
C VAL B 290 -23.93 1.92 22.07
N PRO B 291 -23.36 2.49 21.03
CA PRO B 291 -22.46 1.58 20.25
C PRO B 291 -21.33 1.01 21.16
N TYR B 292 -21.07 -0.28 20.98
CA TYR B 292 -20.05 -1.02 21.65
C TYR B 292 -18.85 -1.54 20.70
N ILE B 293 -17.58 -1.08 20.91
CA ILE B 293 -16.34 -1.45 20.20
C ILE B 293 -15.44 -2.42 21.02
N ASN B 294 -15.31 -3.65 20.53
CA ASN B 294 -14.53 -4.71 21.19
C ASN B 294 -13.14 -4.65 20.77
N GLY B 295 -12.31 -3.92 21.55
CA GLY B 295 -10.87 -3.76 21.29
C GLY B 295 -9.88 -4.90 21.61
N SER B 296 -10.33 -6.09 21.97
CA SER B 296 -9.54 -7.27 22.34
C SER B 296 -9.95 -8.48 21.51
N PRO B 297 -9.09 -9.50 21.50
CA PRO B 297 -9.33 -10.72 20.77
C PRO B 297 -10.42 -11.68 21.03
N GLN B 298 -10.89 -11.79 22.28
CA GLN B 298 -11.91 -12.76 22.64
C GLN B 298 -13.18 -12.60 21.73
N ASN B 299 -13.99 -13.69 21.67
CA ASN B 299 -15.22 -13.74 20.87
C ASN B 299 -16.44 -13.23 21.68
N THR B 300 -16.49 -11.92 21.96
CA THR B 300 -17.58 -11.33 22.74
C THR B 300 -18.95 -11.35 21.94
N PHE B 301 -18.78 -11.00 20.67
CA PHE B 301 -19.90 -10.95 19.81
C PHE B 301 -20.34 -12.29 19.41
N VAL B 302 -20.77 -13.15 20.33
CA VAL B 302 -21.31 -14.44 19.99
C VAL B 302 -22.57 -14.06 19.04
N PRO B 303 -23.21 -15.02 18.32
CA PRO B 303 -24.36 -14.73 17.41
C PRO B 303 -25.51 -14.04 18.14
N GLY B 304 -25.93 -14.73 19.21
CA GLY B 304 -26.96 -14.31 20.10
C GLY B 304 -26.83 -12.84 20.38
N LEU B 305 -25.63 -12.30 20.43
CA LEU B 305 -25.43 -10.87 20.75
C LEU B 305 -25.48 -10.04 19.52
N VAL B 306 -25.12 -10.66 18.39
CA VAL B 306 -25.21 -9.90 17.16
C VAL B 306 -26.69 -9.64 16.85
N GLN B 307 -27.60 -10.48 17.29
CA GLN B 307 -29.05 -10.31 17.02
C GLN B 307 -29.51 -9.05 17.74
N LEU B 308 -29.41 -9.11 19.09
CA LEU B 308 -29.75 -7.98 19.94
C LEU B 308 -29.25 -6.63 19.34
N ALA B 309 -28.04 -6.59 18.88
CA ALA B 309 -27.62 -5.31 18.34
C ALA B 309 -28.55 -4.78 17.14
N GLU B 310 -28.95 -5.76 16.34
CA GLU B 310 -29.75 -5.60 15.11
C GLU B 310 -31.07 -5.07 15.61
N HIS B 311 -31.73 -5.92 16.35
CA HIS B 311 -32.99 -5.61 16.91
C HIS B 311 -33.03 -4.22 17.45
N GLU B 312 -32.04 -3.82 18.23
CA GLU B 312 -32.12 -2.52 18.79
C GLU B 312 -31.62 -1.44 17.92
N GLY B 313 -31.16 -1.85 16.76
CA GLY B 313 -30.59 -0.86 15.86
C GLY B 313 -29.35 -0.23 16.40
N THR B 314 -28.46 -1.01 17.03
CA THR B 314 -27.20 -0.41 17.57
C THR B 314 -25.88 -0.99 17.08
N PHE B 315 -24.89 -0.16 16.87
CA PHE B 315 -23.59 -0.69 16.50
C PHE B 315 -22.87 -1.59 17.41
N ILE B 316 -21.97 -2.36 16.82
CA ILE B 316 -21.02 -3.22 17.44
C ILE B 316 -19.94 -3.29 16.39
N ALA B 317 -18.70 -3.44 16.86
CA ALA B 317 -17.53 -3.49 16.00
C ALA B 317 -16.44 -4.15 16.78
N GLY B 318 -15.58 -4.89 16.05
CA GLY B 318 -14.46 -5.52 16.69
C GLY B 318 -13.69 -6.76 16.31
N ASP B 319 -12.96 -7.15 17.39
CA ASP B 319 -11.98 -8.21 17.68
C ASP B 319 -10.51 -7.85 17.41
N ASP B 320 -9.92 -7.34 18.51
CA ASP B 320 -8.51 -6.93 18.61
C ASP B 320 -7.95 -5.70 17.92
N LEU B 321 -7.39 -4.82 18.68
CA LEU B 321 -6.85 -3.62 18.17
C LEU B 321 -5.66 -3.95 17.36
N LYS B 322 -5.71 -3.46 16.11
CA LYS B 322 -4.71 -3.64 15.07
C LYS B 322 -3.44 -3.21 15.66
N SER B 323 -2.85 -4.25 16.17
CA SER B 323 -1.62 -4.13 16.76
C SER B 323 -1.02 -3.58 15.42
N GLY B 324 -0.30 -2.47 15.41
CA GLY B 324 0.22 -1.97 14.14
C GLY B 324 1.53 -2.54 13.58
N GLN B 325 2.03 -3.52 14.30
CA GLN B 325 3.23 -4.24 13.96
C GLN B 325 2.54 -5.11 12.95
N THR B 326 1.37 -5.57 13.33
CA THR B 326 0.63 -6.42 12.43
C THR B 326 0.16 -5.75 11.17
N LYS B 327 0.12 -4.43 11.21
CA LYS B 327 -0.25 -3.61 10.10
C LYS B 327 0.85 -3.72 9.01
N LEU B 328 2.01 -3.23 9.39
CA LEU B 328 3.22 -3.16 8.65
C LEU B 328 3.56 -4.50 8.03
N LYS B 329 3.05 -5.55 8.66
CA LYS B 329 3.24 -6.90 8.25
C LYS B 329 2.42 -7.22 7.00
N SER B 330 1.10 -7.11 7.13
CA SER B 330 0.12 -7.37 6.02
C SER B 330 0.53 -6.46 4.84
N VAL B 331 0.92 -5.25 5.12
CA VAL B 331 1.29 -4.41 4.02
C VAL B 331 2.51 -4.99 3.29
N LEU B 332 3.65 -5.12 4.00
CA LEU B 332 4.86 -5.80 3.48
C LEU B 332 4.50 -7.06 2.65
N ALA B 333 3.78 -7.95 3.27
CA ALA B 333 3.41 -9.14 2.64
C ALA B 333 2.69 -8.84 1.33
N GLN B 334 1.71 -7.94 1.34
CA GLN B 334 0.99 -7.71 0.15
C GLN B 334 1.90 -7.13 -0.88
N PHE B 335 2.82 -6.25 -0.53
CA PHE B 335 3.67 -5.73 -1.56
C PHE B 335 4.49 -6.78 -2.38
N LEU B 336 4.78 -7.91 -1.74
CA LEU B 336 5.62 -8.96 -2.21
C LEU B 336 4.71 -9.78 -3.14
N VAL B 337 3.54 -10.16 -2.69
CA VAL B 337 2.61 -10.90 -3.51
C VAL B 337 2.12 -10.17 -4.83
N ASP B 338 2.06 -8.85 -4.75
CA ASP B 338 1.72 -7.98 -5.84
C ASP B 338 2.90 -7.74 -6.84
N ALA B 339 4.14 -7.94 -6.37
CA ALA B 339 5.28 -7.75 -7.22
C ALA B 339 5.67 -9.12 -7.93
N GLY B 340 4.88 -10.18 -7.69
CA GLY B 340 5.15 -11.49 -8.25
C GLY B 340 6.16 -12.29 -7.37
N ILE B 341 6.33 -11.84 -6.09
CA ILE B 341 7.22 -12.52 -5.19
C ILE B 341 6.53 -13.47 -4.27
N LYS B 342 7.05 -14.67 -4.10
CA LYS B 342 6.39 -15.70 -3.27
C LYS B 342 6.90 -15.99 -1.74
N PRO B 343 6.32 -15.27 -0.76
CA PRO B 343 6.80 -15.57 0.60
C PRO B 343 6.56 -17.01 0.79
N VAL B 344 7.47 -17.76 1.43
CA VAL B 344 7.17 -19.17 1.69
C VAL B 344 7.12 -19.45 3.24
N SER B 345 7.68 -18.52 4.02
CA SER B 345 7.75 -18.46 5.49
C SER B 345 7.95 -16.98 5.93
N ILE B 346 7.27 -16.71 7.03
CA ILE B 346 7.18 -15.42 7.64
C ILE B 346 7.11 -15.69 9.11
N ALA B 347 8.24 -15.43 9.77
CA ALA B 347 8.35 -15.70 11.29
C ALA B 347 8.11 -14.34 11.97
N SER B 348 7.16 -14.32 12.92
CA SER B 348 6.84 -13.14 13.69
C SER B 348 7.16 -13.30 15.20
N TYR B 349 8.04 -12.46 15.69
CA TYR B 349 8.35 -12.61 17.14
C TYR B 349 8.21 -11.36 17.92
N ASN B 350 7.82 -11.52 19.17
CA ASN B 350 7.87 -10.32 20.04
C ASN B 350 7.71 -10.40 21.58
N HIS B 351 8.16 -9.31 22.15
CA HIS B 351 8.13 -9.17 23.58
C HIS B 351 7.85 -7.69 23.98
N LEU B 352 7.29 -7.58 25.18
CA LEU B 352 6.89 -6.28 25.79
C LEU B 352 6.81 -6.60 27.36
N GLY B 353 7.02 -5.60 28.20
CA GLY B 353 6.93 -5.85 29.65
C GLY B 353 5.73 -5.26 30.48
N ASN B 354 4.57 -4.94 29.81
CA ASN B 354 3.35 -4.42 30.47
C ASN B 354 2.31 -5.41 30.98
N ASN B 355 1.23 -4.94 31.55
CA ASN B 355 0.26 -5.88 32.12
C ASN B 355 -0.38 -6.78 30.98
N ASP B 356 -0.48 -6.09 29.86
CA ASP B 356 -0.88 -6.47 28.54
C ASP B 356 0.01 -7.76 28.30
N GLY B 357 1.30 -7.58 28.07
CA GLY B 357 2.16 -8.75 27.95
C GLY B 357 2.01 -9.73 29.10
N TYR B 358 1.78 -9.20 30.30
CA TYR B 358 1.64 -10.07 31.45
C TYR B 358 0.35 -10.89 31.41
N ASN B 359 -0.78 -10.24 31.09
CA ASN B 359 -1.99 -11.02 31.00
C ASN B 359 -1.90 -12.01 29.78
N LEU B 360 -1.16 -11.65 28.72
CA LEU B 360 -1.12 -12.63 27.63
C LEU B 360 -0.27 -13.83 28.03
N SER B 361 0.81 -13.63 28.81
CA SER B 361 1.65 -14.75 29.27
C SER B 361 0.82 -16.03 29.59
N ALA B 362 -0.47 -15.92 30.01
CA ALA B 362 -1.28 -17.15 30.20
C ALA B 362 -1.83 -17.59 28.75
N PRO B 363 -1.37 -18.78 28.23
CA PRO B 363 -1.73 -19.38 26.92
C PRO B 363 -3.18 -19.21 26.39
N LYS B 364 -4.13 -19.39 27.30
CA LYS B 364 -5.52 -19.21 26.97
C LYS B 364 -5.86 -17.77 26.47
N GLN B 365 -5.25 -16.73 27.06
CA GLN B 365 -5.50 -15.34 26.63
C GLN B 365 -4.64 -15.16 25.38
N PHE B 366 -3.43 -15.73 25.42
CA PHE B 366 -2.52 -15.70 24.23
C PHE B 366 -3.20 -16.36 22.99
N ARG B 367 -3.97 -17.44 23.20
CA ARG B 367 -4.69 -18.12 22.08
C ARG B 367 -5.66 -17.21 21.31
N SER B 368 -6.12 -16.13 21.97
CA SER B 368 -7.02 -15.15 21.37
C SER B 368 -6.27 -14.24 20.33
N LYS B 369 -4.99 -13.90 20.56
CA LYS B 369 -4.18 -13.03 19.63
C LYS B 369 -3.84 -13.84 18.35
N GLU B 370 -3.65 -15.12 18.66
CA GLU B 370 -3.33 -16.24 17.78
C GLU B 370 -4.20 -16.27 16.51
N ILE B 371 -5.50 -16.52 16.72
CA ILE B 371 -6.47 -16.62 15.61
C ILE B 371 -7.18 -15.30 15.28
N SER B 372 -7.16 -14.34 16.23
CA SER B 372 -7.71 -13.02 15.85
C SER B 372 -6.76 -12.74 14.60
N LYS B 373 -5.52 -13.22 14.69
CA LYS B 373 -4.59 -13.05 13.57
C LYS B 373 -4.76 -14.26 12.53
N SER B 374 -3.74 -14.56 11.72
CA SER B 374 -3.92 -15.60 10.68
C SER B 374 -4.92 -14.90 9.67
N SER B 375 -5.74 -15.69 8.98
CA SER B 375 -6.70 -15.15 8.03
C SER B 375 -6.16 -13.89 7.23
N VAL B 376 -4.85 -13.70 7.18
CA VAL B 376 -4.25 -12.62 6.34
C VAL B 376 -3.30 -13.30 5.27
N ILE B 377 -2.48 -14.22 5.79
CA ILE B 377 -1.52 -15.07 5.06
C ILE B 377 -2.39 -15.83 4.00
N ASP B 378 -3.42 -16.50 4.50
CA ASP B 378 -4.33 -17.26 3.65
C ASP B 378 -5.13 -16.52 2.59
N ASP B 379 -5.40 -15.21 2.84
CA ASP B 379 -6.14 -14.31 1.93
C ASP B 379 -5.16 -13.87 0.87
N ILE B 380 -3.88 -13.62 1.27
CA ILE B 380 -2.84 -13.20 0.30
C ILE B 380 -2.50 -14.43 -0.58
N ILE B 381 -2.45 -15.62 0.04
CA ILE B 381 -2.15 -16.91 -0.67
C ILE B 381 -3.32 -17.08 -1.63
N ALA B 382 -4.51 -17.09 -1.04
CA ALA B 382 -5.74 -17.21 -1.80
C ALA B 382 -5.78 -16.38 -3.08
N SER B 383 -5.42 -15.09 -3.03
CA SER B 383 -5.51 -14.22 -4.22
C SER B 383 -4.53 -14.43 -5.41
N ASN B 384 -3.61 -15.40 -5.26
CA ASN B 384 -2.56 -15.52 -6.28
C ASN B 384 -2.15 -16.94 -6.54
N ASP B 385 -3.02 -17.64 -7.25
CA ASP B 385 -2.77 -19.02 -7.50
C ASP B 385 -1.74 -19.14 -8.66
N ILE B 386 -1.16 -18.03 -9.11
CA ILE B 386 -0.11 -18.21 -10.09
C ILE B 386 1.08 -18.74 -9.21
N LEU B 387 1.18 -18.18 -8.01
CA LEU B 387 2.26 -18.47 -7.01
C LEU B 387 2.03 -19.67 -6.12
N TYR B 388 0.81 -19.71 -5.55
CA TYR B 388 0.32 -20.74 -4.63
C TYR B 388 -0.74 -21.62 -5.37
N ASN B 389 -0.45 -22.93 -5.57
CA ASN B 389 -1.30 -23.92 -6.26
C ASN B 389 -0.77 -25.30 -5.87
N ASP B 390 -1.36 -26.35 -6.43
CA ASP B 390 -0.92 -27.71 -6.10
C ASP B 390 0.40 -28.13 -6.74
N LYS B 391 0.75 -27.50 -7.85
CA LYS B 391 1.96 -27.89 -8.47
C LYS B 391 3.24 -27.23 -7.75
N LEU B 392 3.29 -25.92 -7.59
CA LEU B 392 4.39 -25.23 -6.86
C LEU B 392 4.18 -25.20 -5.33
N GLY B 393 3.15 -25.85 -4.82
CA GLY B 393 2.89 -25.77 -3.39
C GLY B 393 2.12 -24.48 -3.07
N LYS B 394 1.09 -24.61 -2.25
CA LYS B 394 0.25 -23.47 -1.88
C LYS B 394 0.38 -22.97 -0.40
N LYS B 395 1.41 -23.37 0.32
CA LYS B 395 1.52 -22.87 1.74
C LYS B 395 2.59 -21.81 2.06
N VAL B 396 2.32 -21.10 3.14
CA VAL B 396 3.30 -20.13 3.67
C VAL B 396 3.44 -20.47 5.18
N ASP B 397 4.55 -21.10 5.58
CA ASP B 397 4.85 -21.45 7.00
C ASP B 397 4.88 -20.11 7.69
N HIS B 398 4.31 -20.03 8.88
CA HIS B 398 4.28 -18.77 9.65
C HIS B 398 4.14 -19.04 11.16
N CYS B 399 4.69 -18.20 12.02
CA CYS B 399 4.39 -18.51 13.43
C CYS B 399 4.23 -17.15 14.11
N ILE B 400 3.57 -17.19 15.29
CA ILE B 400 3.38 -16.04 16.13
C ILE B 400 3.76 -16.37 17.60
N VAL B 401 4.80 -15.67 18.03
CA VAL B 401 5.31 -15.78 19.39
C VAL B 401 5.48 -14.38 19.98
N ILE B 402 4.85 -14.26 21.17
CA ILE B 402 4.84 -13.13 22.14
C ILE B 402 5.23 -13.55 23.64
N LYS B 403 6.36 -13.04 24.15
CA LYS B 403 6.77 -13.41 25.49
C LYS B 403 6.81 -12.11 26.27
N TYR B 404 6.49 -12.29 27.54
CA TYR B 404 6.52 -11.24 28.54
C TYR B 404 7.99 -11.15 29.02
N MET B 405 8.65 -9.99 28.78
CA MET B 405 10.00 -9.49 29.14
C MET B 405 9.79 -8.12 29.93
N LYS B 406 9.23 -8.18 31.16
CA LYS B 406 8.96 -6.98 32.02
C LYS B 406 9.94 -5.81 31.94
N PRO B 407 11.27 -6.09 31.85
CA PRO B 407 12.24 -4.98 31.79
C PRO B 407 12.04 -3.93 30.71
N VAL B 408 11.44 -4.36 29.59
CA VAL B 408 11.21 -3.44 28.45
C VAL B 408 10.00 -2.54 28.67
N GLY B 409 9.14 -2.85 29.67
CA GLY B 409 8.00 -1.97 29.92
C GLY B 409 6.81 -2.00 28.91
N ASP B 410 6.40 -0.80 28.48
CA ASP B 410 5.33 -0.70 27.48
C ASP B 410 6.00 -0.83 26.08
N SER B 411 7.32 -0.82 26.05
CA SER B 411 8.00 -1.07 24.82
C SER B 411 7.64 -2.50 24.28
N LYS B 412 7.57 -2.52 22.99
CA LYS B 412 7.21 -3.80 22.33
C LYS B 412 8.40 -3.89 21.37
N VAL B 413 9.03 -5.06 21.35
CA VAL B 413 10.04 -5.17 20.36
C VAL B 413 9.41 -6.18 19.47
N ALA B 414 9.36 -5.78 18.21
CA ALA B 414 8.68 -6.70 17.30
C ALA B 414 9.66 -7.03 16.20
N MET B 415 9.73 -8.29 15.88
CA MET B 415 10.71 -8.76 14.82
C MET B 415 9.96 -9.65 13.77
N ASP B 416 10.12 -9.36 12.49
CA ASP B 416 9.46 -10.27 11.53
C ASP B 416 10.45 -10.58 10.40
N GLU B 417 10.59 -11.84 10.11
CA GLU B 417 11.49 -12.23 9.11
C GLU B 417 10.71 -12.99 7.95
N TYR B 418 10.99 -12.57 6.71
CA TYR B 418 10.32 -13.13 5.50
C TYR B 418 11.40 -13.74 4.64
N TYR B 419 11.16 -14.99 4.28
CA TYR B 419 12.10 -15.65 3.46
C TYR B 419 11.18 -15.91 2.13
N SER B 420 11.54 -15.44 0.97
CA SER B 420 10.71 -15.62 -0.23
C SER B 420 11.50 -16.23 -1.42
N GLU B 421 10.76 -16.96 -2.27
CA GLU B 421 11.39 -17.46 -3.49
C GLU B 421 11.37 -16.39 -4.48
N LEU B 422 12.57 -16.20 -5.07
CA LEU B 422 12.82 -15.38 -6.23
C LEU B 422 12.99 -16.30 -7.57
N MET B 423 13.17 -15.67 -8.74
CA MET B 423 13.25 -16.40 -10.05
C MET B 423 14.54 -17.26 -10.12
N LEU B 424 14.42 -18.46 -10.76
CA LEU B 424 15.56 -19.35 -11.10
C LEU B 424 16.42 -19.77 -9.83
N GLY B 425 15.77 -20.25 -8.81
CA GLY B 425 16.46 -20.64 -7.64
C GLY B 425 16.78 -19.58 -6.56
N GLY B 426 16.82 -18.31 -6.87
CA GLY B 426 17.08 -17.27 -5.89
C GLY B 426 16.13 -17.23 -4.70
N HIS B 427 16.59 -16.49 -3.69
CA HIS B 427 15.81 -16.18 -2.47
C HIS B 427 16.04 -14.72 -1.98
N ASN B 428 15.11 -14.24 -1.17
CA ASN B 428 15.19 -12.90 -0.65
C ASN B 428 14.95 -13.00 0.90
N ARG B 429 15.73 -12.35 1.79
CA ARG B 429 15.39 -12.60 3.26
C ARG B 429 15.12 -11.19 3.74
N ILE B 430 13.92 -10.87 4.19
CA ILE B 430 13.70 -9.49 4.52
C ILE B 430 13.36 -9.51 5.98
N SER B 431 13.94 -8.62 6.77
CA SER B 431 13.46 -8.62 8.17
C SER B 431 13.13 -7.20 8.66
N ILE B 432 12.01 -7.10 9.41
CA ILE B 432 11.50 -5.84 9.92
C ILE B 432 11.74 -5.76 11.48
N HIS B 433 12.57 -4.87 11.95
CA HIS B 433 12.70 -4.80 13.43
C HIS B 433 11.94 -3.44 13.75
N ASN B 434 11.11 -3.55 14.75
CA ASN B 434 10.21 -2.50 15.21
C ASN B 434 10.20 -2.29 16.77
N VAL B 435 10.65 -1.11 17.13
CA VAL B 435 10.65 -0.80 18.57
C VAL B 435 9.73 0.51 18.80
N CYS B 436 8.77 0.39 19.65
CA CYS B 436 7.94 1.57 20.10
C CYS B 436 7.11 1.18 21.38
N GLU B 437 6.67 2.20 22.09
CA GLU B 437 5.78 1.82 23.25
C GLU B 437 4.47 1.57 22.52
N ASP B 438 3.95 0.42 22.60
CA ASP B 438 2.85 0.34 21.67
C ASP B 438 1.54 1.06 22.12
N SER B 439 1.44 1.43 23.44
CA SER B 439 0.33 2.22 23.88
C SER B 439 0.26 3.54 23.11
N LEU B 440 1.38 4.09 22.70
CA LEU B 440 1.35 5.26 21.95
C LEU B 440 0.83 5.08 20.49
N LEU B 441 0.45 3.86 20.14
CA LEU B 441 -0.01 3.56 18.81
C LEU B 441 -1.37 3.09 19.07
N ALA B 442 -1.58 2.35 20.13
CA ALA B 442 -2.85 1.92 20.33
C ALA B 442 -3.91 3.09 20.66
N THR B 443 -3.47 4.17 21.38
CA THR B 443 -4.33 5.25 21.89
C THR B 443 -4.87 5.93 20.71
N PRO B 444 -4.02 6.43 19.77
CA PRO B 444 -4.57 7.11 18.56
C PRO B 444 -5.46 6.18 17.78
N LEU B 445 -5.25 4.87 17.85
CA LEU B 445 -6.10 3.99 17.14
C LEU B 445 -7.48 4.10 17.78
N ILE B 446 -7.49 4.05 19.12
CA ILE B 446 -8.71 4.10 19.87
C ILE B 446 -9.51 5.42 19.54
N ILE B 447 -8.85 6.54 19.51
CA ILE B 447 -9.43 7.76 19.11
C ILE B 447 -10.05 7.48 17.68
N ASP B 448 -9.22 7.32 16.60
CA ASP B 448 -9.64 7.02 15.20
C ASP B 448 -10.88 6.17 15.31
N LEU B 449 -10.89 5.17 16.07
CA LEU B 449 -12.10 4.43 16.02
C LEU B 449 -13.41 5.03 16.65
N LEU B 450 -13.24 5.91 17.70
CA LEU B 450 -14.41 6.40 18.36
C LEU B 450 -14.82 7.53 17.44
N VAL B 451 -13.86 8.31 16.92
CA VAL B 451 -14.23 9.29 16.02
C VAL B 451 -15.02 8.68 14.76
N MET B 452 -14.73 7.44 14.33
CA MET B 452 -15.42 6.87 13.14
C MET B 452 -16.70 6.12 13.51
N THR B 453 -16.68 5.53 14.69
CA THR B 453 -17.92 4.91 15.10
C THR B 453 -19.06 6.00 15.22
N GLU B 454 -18.66 7.21 15.60
CA GLU B 454 -19.60 8.24 15.83
C GLU B 454 -20.15 8.74 14.48
N PHE B 455 -19.27 9.09 13.56
CA PHE B 455 -19.61 9.46 12.26
C PHE B 455 -20.59 8.40 11.65
N CYS B 456 -20.24 7.13 11.65
CA CYS B 456 -21.10 6.18 11.06
C CYS B 456 -22.46 6.24 11.58
N THR B 457 -22.51 6.83 12.76
CA THR B 457 -23.81 6.79 13.53
C THR B 457 -24.83 7.87 13.04
N ARG B 458 -24.28 8.78 12.34
CA ARG B 458 -25.01 9.83 11.78
C ARG B 458 -25.26 9.62 10.20
N VAL B 459 -25.14 8.36 9.75
CA VAL B 459 -25.20 8.05 8.37
C VAL B 459 -26.17 7.04 8.24
N SER B 460 -27.12 7.26 7.32
CA SER B 460 -28.09 6.17 7.01
C SER B 460 -28.20 6.04 5.42
N TYR B 461 -28.83 4.97 4.98
CA TYR B 461 -28.91 4.75 3.52
C TYR B 461 -30.23 4.10 3.01
N LYS B 462 -30.46 4.22 1.69
CA LYS B 462 -31.59 3.47 1.06
C LYS B 462 -31.17 3.03 -0.30
N LYS B 463 -31.49 1.77 -0.50
CA LYS B 463 -31.31 1.10 -1.78
C LYS B 463 -32.39 1.66 -2.71
N VAL B 464 -32.07 2.44 -3.73
CA VAL B 464 -33.05 2.96 -4.66
C VAL B 464 -33.29 2.02 -5.88
N ASP B 465 -34.09 2.51 -6.84
CA ASP B 465 -34.40 1.78 -8.12
C ASP B 465 -34.33 2.75 -9.32
N PRO B 466 -34.06 2.22 -10.55
CA PRO B 466 -33.97 3.11 -11.74
C PRO B 466 -35.24 3.54 -12.57
N VAL B 467 -36.45 3.11 -12.14
CA VAL B 467 -37.76 3.49 -12.79
C VAL B 467 -38.95 3.07 -11.87
N LYS B 468 -38.70 2.95 -10.54
CA LYS B 468 -39.72 2.48 -9.56
C LYS B 468 -39.44 2.61 -8.07
N GLU B 469 -38.33 3.30 -7.78
CA GLU B 469 -37.83 3.58 -6.41
C GLU B 469 -38.89 3.61 -5.25
N ASP B 470 -38.91 4.73 -4.52
CA ASP B 470 -39.75 4.95 -3.34
C ASP B 470 -40.70 4.01 -2.66
N ALA B 471 -41.09 4.57 -1.52
CA ALA B 471 -41.89 3.92 -0.48
C ALA B 471 -41.08 4.61 0.66
N GLY B 472 -39.87 5.07 0.21
CA GLY B 472 -38.81 5.72 1.00
C GLY B 472 -38.05 4.73 1.89
N LYS B 473 -37.79 5.24 3.08
CA LYS B 473 -37.09 4.66 4.26
C LYS B 473 -35.68 4.12 4.38
N PHE B 474 -34.88 5.07 4.84
CA PHE B 474 -33.55 4.86 5.15
C PHE B 474 -33.45 3.82 6.23
N GLU B 475 -32.28 3.20 6.25
CA GLU B 475 -31.95 2.17 7.20
C GLU B 475 -30.55 2.47 7.72
N ASN B 476 -30.28 1.86 8.86
CA ASN B 476 -28.96 1.97 9.50
C ASN B 476 -27.91 0.96 8.90
N PHE B 477 -26.65 1.35 8.94
CA PHE B 477 -25.52 0.45 8.54
C PHE B 477 -25.78 -0.98 9.04
N TYR B 478 -25.34 -2.05 8.36
CA TYR B 478 -25.49 -3.37 9.05
C TYR B 478 -24.77 -3.18 10.53
N PRO B 479 -25.41 -3.64 11.71
CA PRO B 479 -24.82 -3.52 13.08
C PRO B 479 -23.31 -3.54 12.98
N VAL B 480 -22.74 -4.69 12.54
CA VAL B 480 -21.27 -4.82 12.31
C VAL B 480 -20.60 -3.72 11.43
N LEU B 481 -19.89 -2.84 12.10
CA LEU B 481 -19.17 -1.79 11.43
C LEU B 481 -17.80 -2.24 10.69
N THR B 482 -17.90 -3.11 9.65
CA THR B 482 -16.75 -3.57 8.85
C THR B 482 -15.91 -2.39 8.27
N PHE B 483 -16.45 -1.17 8.29
CA PHE B 483 -15.63 -0.02 7.81
C PHE B 483 -14.45 0.24 8.84
N LEU B 484 -14.51 -0.39 10.04
CA LEU B 484 -13.53 -0.24 11.12
C LEU B 484 -12.65 -1.55 11.15
N SER B 485 -12.21 -2.00 9.97
CA SER B 485 -11.40 -3.23 9.93
C SER B 485 -9.95 -2.74 9.77
N TYR B 486 -9.77 -1.50 9.36
CA TYR B 486 -8.45 -0.92 9.22
C TYR B 486 -7.66 -0.92 10.52
N TRP B 487 -8.44 -0.93 11.61
CA TRP B 487 -7.96 -0.80 12.99
C TRP B 487 -8.16 -2.07 13.86
N LEU B 488 -8.92 -3.08 13.45
CA LEU B 488 -9.03 -4.31 14.25
C LEU B 488 -8.34 -5.49 13.48
N LYS B 489 -7.73 -6.44 14.23
CA LYS B 489 -6.96 -7.55 13.67
C LYS B 489 -7.80 -8.75 13.19
N ALA B 490 -8.93 -8.97 13.87
CA ALA B 490 -9.88 -10.04 13.51
C ALA B 490 -11.32 -9.47 13.16
N PRO B 491 -11.40 -8.60 12.08
CA PRO B 491 -12.63 -7.90 11.53
C PRO B 491 -13.89 -8.77 11.56
N LEU B 492 -14.76 -8.44 12.50
CA LEU B 492 -15.99 -9.15 12.68
C LEU B 492 -16.59 -8.94 11.31
N THR B 493 -17.58 -9.79 10.99
CA THR B 493 -18.26 -9.79 9.67
C THR B 493 -19.81 -10.08 9.72
N ARG B 494 -20.27 -10.74 8.65
CA ARG B 494 -21.65 -11.20 8.44
C ARG B 494 -21.32 -12.59 7.86
N PRO B 495 -21.97 -13.69 8.37
CA PRO B 495 -21.74 -15.09 7.94
C PRO B 495 -21.41 -15.33 6.45
N GLY B 496 -20.67 -16.43 6.25
CA GLY B 496 -20.18 -16.84 4.93
C GLY B 496 -19.36 -15.81 4.12
N PHE B 497 -19.27 -14.60 4.63
CA PHE B 497 -18.55 -13.50 3.94
C PHE B 497 -17.06 -13.52 4.38
N HIS B 498 -16.15 -13.31 3.44
CA HIS B 498 -14.76 -13.38 3.92
C HIS B 498 -14.12 -12.18 4.60
N PRO B 499 -13.45 -12.49 5.72
CA PRO B 499 -12.81 -11.41 6.48
C PRO B 499 -11.54 -10.93 5.75
N VAL B 500 -11.69 -10.11 4.69
CA VAL B 500 -10.44 -9.65 4.04
C VAL B 500 -9.85 -8.45 4.81
N ASN B 501 -8.54 -8.56 5.03
CA ASN B 501 -7.72 -7.57 5.69
C ASN B 501 -6.94 -6.94 4.51
N GLY B 502 -5.83 -6.27 4.70
CA GLY B 502 -5.22 -5.66 3.51
C GLY B 502 -5.53 -4.26 3.97
N LEU B 503 -4.66 -3.82 4.87
CA LEU B 503 -4.81 -2.51 5.48
C LEU B 503 -5.11 -1.47 4.45
N ASN B 504 -4.21 -1.35 3.45
CA ASN B 504 -4.27 -0.30 2.39
C ASN B 504 -5.68 -0.14 1.78
N LYS B 505 -6.19 -1.28 1.29
CA LYS B 505 -7.49 -1.48 0.74
C LYS B 505 -8.54 -1.11 1.85
N GLN B 506 -8.26 -1.45 3.12
CA GLN B 506 -9.14 -1.11 4.20
C GLN B 506 -9.14 0.38 4.26
N ARG B 507 -8.01 1.00 3.91
CA ARG B 507 -8.06 2.47 3.95
C ARG B 507 -8.72 3.20 2.73
N THR B 508 -8.63 2.55 1.56
CA THR B 508 -9.22 3.01 0.34
C THR B 508 -10.75 3.09 0.59
N ALA B 509 -11.27 2.04 1.21
CA ALA B 509 -12.66 1.98 1.56
C ALA B 509 -13.14 3.24 2.26
N LEU B 510 -12.47 3.68 3.33
CA LEU B 510 -12.95 4.86 4.09
C LEU B 510 -12.96 6.11 3.31
N GLU B 511 -11.83 6.22 2.70
CA GLU B 511 -11.53 7.36 1.94
C GLU B 511 -12.63 7.61 0.80
N ASN B 512 -12.93 6.51 0.08
CA ASN B 512 -13.82 6.45 -1.03
C ASN B 512 -15.21 6.69 -0.48
N PHE B 513 -15.52 6.24 0.73
CA PHE B 513 -16.81 6.47 1.37
C PHE B 513 -16.96 7.91 1.73
N LEU B 514 -15.97 8.48 2.39
CA LEU B 514 -16.05 9.87 2.72
C LEU B 514 -16.34 10.63 1.38
N ARG B 515 -15.58 10.25 0.36
CA ARG B 515 -15.60 10.89 -0.94
C ARG B 515 -17.01 10.89 -1.63
N LEU B 516 -17.64 9.72 -1.59
CA LEU B 516 -18.88 9.50 -2.21
C LEU B 516 -19.97 10.42 -1.55
N LEU B 517 -20.04 10.33 -0.21
CA LEU B 517 -20.90 11.16 0.63
C LEU B 517 -20.87 12.62 0.13
N ILE B 518 -19.76 13.09 -0.40
CA ILE B 518 -19.79 14.40 -0.88
C ILE B 518 -19.79 14.41 -2.41
N GLY B 519 -20.33 13.36 -2.98
CA GLY B 519 -20.37 13.26 -4.44
C GLY B 519 -19.03 13.34 -5.24
N LEU B 520 -18.04 12.52 -4.83
CA LEU B 520 -16.69 12.50 -5.45
C LEU B 520 -16.54 11.01 -5.74
N PRO B 521 -16.21 10.72 -7.01
CA PRO B 521 -16.07 9.29 -7.42
C PRO B 521 -14.76 8.69 -6.73
N SER B 522 -14.66 7.38 -6.71
CA SER B 522 -13.47 6.76 -6.17
C SER B 522 -12.16 7.20 -6.91
N GLN B 523 -11.02 7.23 -6.23
CA GLN B 523 -9.80 7.64 -6.96
C GLN B 523 -9.37 6.58 -7.96
N ASN B 524 -8.74 6.96 -9.05
CA ASN B 524 -8.40 5.88 -9.96
C ASN B 524 -6.91 5.86 -10.35
N GLU B 525 -6.19 6.98 -10.15
CA GLU B 525 -4.80 7.18 -10.38
C GLU B 525 -4.33 7.21 -11.75
N LEU B 526 -5.24 7.19 -12.71
CA LEU B 526 -4.78 7.27 -14.18
C LEU B 526 -4.38 8.67 -14.27
N ARG B 527 -3.36 9.11 -14.89
CA ARG B 527 -3.49 10.63 -14.59
C ARG B 527 -3.59 11.14 -15.98
N PHE B 528 -4.78 10.95 -16.64
CA PHE B 528 -4.97 11.31 -18.08
C PHE B 528 -4.66 12.68 -18.49
N GLU B 529 -4.90 13.66 -17.62
CA GLU B 529 -4.51 14.97 -18.06
C GLU B 529 -3.05 15.01 -18.29
N GLU B 530 -2.29 14.06 -17.74
CA GLU B 530 -0.82 14.01 -17.92
C GLU B 530 -0.39 12.85 -18.92
N ARG B 531 -1.01 11.72 -18.79
CA ARG B 531 -0.66 10.59 -19.60
C ARG B 531 -1.09 10.73 -21.07
N LEU B 532 -2.28 11.33 -21.22
CA LEU B 532 -2.91 11.55 -22.49
C LEU B 532 -2.55 12.92 -22.94
N LEU B 533 -2.33 12.99 -24.21
CA LEU B 533 -1.92 14.23 -24.79
C LEU B 533 -3.00 15.33 -24.57
N NH4 C . 23.01 -4.51 -8.08
C1 DG6 D . 19.66 2.34 -3.94
O1 DG6 D . 19.62 1.13 -3.18
C2 DG6 D . 20.26 2.06 -5.44
C3 DG6 D . 19.43 0.87 -6.21
O3 DG6 D . 19.11 1.20 -7.57
C4 DG6 D . 20.26 -0.51 -6.18
O4 DG6 D . 19.95 -1.13 -4.86
C5 DG6 D . 21.85 -0.21 -6.35
O5 DG6 D . 22.62 0.03 -5.14
C6 DG6 D . 22.56 0.01 -7.82
O6 DG6 D . 22.64 -1.08 -8.87
P DG6 D . 24.05 -0.93 -9.99
O1P DG6 D . 23.80 -0.02 -10.99
O2P DG6 D . 25.24 -0.49 -9.34
O3P DG6 D . 24.25 -2.19 -10.55
PA NAI E . 26.93 -4.40 -14.88
O1A NAI E . 27.74 -3.38 -14.80
O2A NAI E . 26.80 -5.73 -14.47
O5B NAI E . 26.44 -4.45 -16.47
C5B NAI E . 26.50 -3.26 -17.36
C4B NAI E . 27.04 -3.66 -18.66
O4B NAI E . 27.13 -2.40 -19.36
C3B NAI E . 28.63 -4.12 -18.65
O3B NAI E . 28.72 -5.28 -19.24
C2B NAI E . 29.38 -3.03 -19.33
O2B NAI E . 30.30 -3.51 -19.99
C1B NAI E . 28.15 -2.37 -20.20
N9A NAI E . 28.32 -1.10 -20.52
C8A NAI E . 28.74 -0.10 -19.87
N7A NAI E . 28.95 1.07 -20.67
C5A NAI E . 28.36 0.64 -21.84
C6A NAI E . 28.14 1.25 -23.17
N6A NAI E . 28.43 2.50 -23.54
N1A NAI E . 27.67 0.45 -24.08
C2A NAI E . 27.39 -0.84 -23.89
N3A NAI E . 27.53 -1.54 -22.77
C4A NAI E . 28.07 -0.71 -21.74
O3 NAI E . 25.58 -3.76 -14.11
PN NAI E . 24.17 -4.38 -13.98
O1N NAI E . 24.08 -4.87 -12.70
O2N NAI E . 23.49 -5.36 -15.05
O5D NAI E . 23.21 -3.04 -14.10
C5D NAI E . 23.51 -2.00 -14.90
C4D NAI E . 22.44 -0.84 -14.66
O4D NAI E . 21.08 -1.34 -14.29
C3D NAI E . 22.89 0.01 -13.61
O3D NAI E . 23.26 1.17 -14.17
C2D NAI E . 21.61 0.08 -12.59
O2D NAI E . 20.68 1.17 -13.02
C1D NAI E . 20.82 -1.01 -12.93
N1N NAI E . 20.44 -2.12 -11.83
C2N NAI E . 21.30 -3.18 -11.61
C3N NAI E . 20.97 -4.18 -10.80
C7N NAI E . 21.93 -5.53 -10.79
O7N NAI E . 21.66 -6.54 -10.26
N7N NAI E . 23.05 -5.58 -11.28
C4N NAI E . 19.88 -3.97 -9.90
C5N NAI E . 19.17 -2.73 -9.83
C6N NAI E . 19.47 -1.77 -10.73
N NH4 F . 1.18 -3.60 24.49
C1 DG6 G . -0.70 -9.60 17.23
O1 DG6 G . 0.22 -8.69 16.65
C2 DG6 G . -0.12 -10.00 18.63
C3 DG6 G . -0.97 -9.28 19.79
O3 DG6 G . -0.77 -9.96 21.05
C4 DG6 G . -0.59 -7.71 19.93
O4 DG6 G . 0.48 -7.38 18.94
C5 DG6 G . -0.08 -7.37 21.41
O5 DG6 G . 1.30 -7.00 21.57
C6 DG6 G . -1.06 -7.47 22.73
O6 DG6 G . -1.43 -6.20 23.44
P DG6 G . -1.53 -6.31 25.22
O1P DG6 G . -2.02 -5.07 25.69
O2P DG6 G . -2.45 -7.36 25.69
O3P DG6 G . -0.23 -6.52 25.76
PA NAI H . -3.40 -3.10 30.67
O1A NAI H . -3.31 -4.52 31.13
O2A NAI H . -2.50 -1.90 30.64
O5B NAI H . -5.00 -2.63 30.84
C5B NAI H . -6.14 -3.44 31.14
C4B NAI H . -7.10 -2.78 32.14
O4B NAI H . -8.20 -3.79 32.20
C3B NAI H . -6.34 -3.01 33.58
O3B NAI H . -6.11 -2.00 34.41
C2B NAI H . -7.09 -4.12 34.15
O2B NAI H . -7.17 -3.86 35.41
C1B NAI H . -8.47 -3.91 33.41
N9A NAI H . -9.27 -4.96 33.46
C8A NAI H . -9.14 -6.23 33.17
N7A NAI H . -10.24 -7.03 33.51
C5A NAI H . -11.19 -6.03 33.67
C6A NAI H . -12.65 -6.11 33.73
N6A NAI H . -13.37 -7.33 33.82
N1A NAI H . -13.22 -4.92 33.95
C2A NAI H . -12.55 -3.75 33.97
N3A NAI H . -11.37 -3.43 33.70
C4A NAI H . -10.65 -4.74 33.73
O3 NAI H . -3.53 -3.37 29.01
PN NAI H . -3.59 -2.46 27.76
O1N NAI H . -2.32 -2.36 27.31
O2N NAI H . -4.13 -0.89 27.92
O5D NAI H . -4.40 -3.47 26.94
C5D NAI H . -5.83 -3.61 26.74
C4D NAI H . -6.06 -4.53 25.52
O4D NAI H . -5.86 -3.72 24.20
C3D NAI H . -5.15 -5.71 25.38
O3D NAI H . -5.94 -6.72 25.81
C2D NAI H . -4.93 -5.77 23.83
O2D NAI H . -6.28 -6.10 23.27
C1D NAI H . -4.91 -4.38 23.37
N1N NAI H . -3.61 -3.62 22.96
C2N NAI H . -3.00 -2.71 23.87
C3N NAI H . -1.75 -2.09 23.57
C7N NAI H . -0.92 -1.32 24.77
O7N NAI H . -0.14 -0.33 24.61
N7N NAI H . -1.05 -1.70 25.98
C4N NAI H . -1.09 -2.38 22.21
C5N NAI H . -1.67 -3.31 21.31
C6N NAI H . -2.78 -4.08 21.78
#